data_2AQV
#
_entry.id   2AQV
#
_cell.length_a   119.100
_cell.length_b   119.100
_cell.length_c   138.600
_cell.angle_alpha   90.00
_cell.angle_beta   90.00
_cell.angle_gamma   90.00
#
_symmetry.space_group_name_H-M   'P 4 21 2'
#
loop_
_entity.id
_entity.type
_entity.pdbx_description
1 polymer 'Isoaspartyl dipeptidase'
2 non-polymer 'ZINC ION'
3 water water
#
_entity_poly.entity_id   1
_entity_poly.type   'polypeptide(L)'
_entity_poly.pdbx_seq_one_letter_code
;MIDYTAAGFTLLQGAHLYAPEDRGICDVLVANGKIIAVASNIPSDIVPNCTVVDLSGQILCPGFIDQHVHLIGGGGEAGP
TTRTPEVALSRLTEAGVTSVVGLLGTDSISRHPESLLAKTRALNEEGISAWMLTGAFHVPSRTITGSVEKDVAIIDRVIG
V(KCX)CAISDHRSAAPDVYHLANMAAESRVGGLLGGKPGVTVFHMGDSKKALQPIYDLLENCDVPISKLLPTHVNRNVP
LFEQALEFARKGGTIDITSSIDEPVAPAEGIARAVQAGIPLARVTLSSDGNGSQPFFDDEGNLTHIGVAGFETLLETVQV
LVKDYDFSISDALRPLTSSVAGFLNLTGKGEILPGNDADLLVMTPELRIEQVYARGKLMVKDGKACVKGTFETA
;
_entity_poly.pdbx_strand_id   A,B
#
loop_
_chem_comp.id
_chem_comp.type
_chem_comp.name
_chem_comp.formula
ZN non-polymer 'ZINC ION' 'Zn 2'
#
# COMPACT_ATOMS: atom_id res chain seq x y z
N MET A 1 21.58 -11.39 25.80
CA MET A 1 21.23 -10.17 25.12
C MET A 1 19.99 -10.34 24.24
N ILE A 2 19.02 -9.44 24.49
CA ILE A 2 17.79 -9.40 23.73
C ILE A 2 18.01 -8.51 22.52
N ASP A 3 17.56 -9.00 21.38
CA ASP A 3 17.74 -8.22 20.18
C ASP A 3 16.53 -7.30 19.91
N TYR A 4 16.73 -5.99 19.81
CA TYR A 4 15.61 -5.12 19.56
C TYR A 4 15.87 -4.38 18.29
N THR A 5 16.83 -4.87 17.54
CA THR A 5 17.19 -4.18 16.31
C THR A 5 16.10 -4.06 15.26
N ALA A 6 15.12 -4.97 15.29
CA ALA A 6 14.02 -4.87 14.34
C ALA A 6 13.34 -3.49 14.35
N ALA A 7 13.33 -2.80 15.51
CA ALA A 7 12.67 -1.52 15.65
C ALA A 7 13.36 -0.41 14.89
N GLY A 8 14.64 -0.61 14.57
CA GLY A 8 15.37 0.42 13.90
C GLY A 8 15.38 1.71 14.76
N PHE A 9 15.58 1.63 16.08
CA PHE A 9 15.59 2.85 16.90
C PHE A 9 16.77 3.78 16.54
N THR A 10 16.40 5.04 16.28
CA THR A 10 17.31 6.09 15.92
C THR A 10 16.93 7.38 16.64
N LEU A 11 17.92 7.92 17.27
CA LEU A 11 17.74 9.18 17.97
C LEU A 11 18.67 10.21 17.34
N LEU A 12 18.02 11.26 16.84
CA LEU A 12 18.66 12.39 16.20
C LEU A 12 18.72 13.46 17.25
N GLN A 13 19.94 13.69 17.69
CA GLN A 13 20.15 14.60 18.80
C GLN A 13 20.76 15.98 18.56
N GLY A 14 20.12 16.93 19.20
CA GLY A 14 20.51 18.30 19.28
C GLY A 14 20.60 19.18 18.06
N ALA A 15 19.83 18.90 17.03
CA ALA A 15 19.90 19.80 15.90
C ALA A 15 18.91 20.93 16.17
N HIS A 16 19.05 22.01 15.41
CA HIS A 16 18.06 23.05 15.52
C HIS A 16 16.99 22.60 14.52
N LEU A 17 15.81 22.38 15.03
CA LEU A 17 14.71 21.86 14.25
C LEU A 17 13.74 22.85 13.65
N TYR A 18 13.55 22.73 12.33
CA TYR A 18 12.54 23.53 11.66
C TYR A 18 11.47 22.52 11.21
N ALA A 19 10.32 22.50 11.84
CA ALA A 19 9.29 21.51 11.61
C ALA A 19 8.36 21.44 10.42
N PRO A 20 8.25 22.40 9.49
CA PRO A 20 9.03 23.61 9.29
C PRO A 20 9.08 24.64 10.43
N GLU A 21 8.06 24.70 11.30
CA GLU A 21 8.01 25.63 12.43
C GLU A 21 9.27 25.55 13.23
N ASP A 22 9.82 26.73 13.56
CA ASP A 22 11.04 26.73 14.34
C ASP A 22 10.78 26.17 15.73
N ARG A 23 11.44 25.05 16.03
CA ARG A 23 11.27 24.40 17.33
C ARG A 23 12.52 24.50 18.21
N GLY A 24 13.49 25.25 17.70
CA GLY A 24 14.75 25.38 18.41
C GLY A 24 15.51 24.08 18.43
N ILE A 25 16.43 23.96 19.40
CA ILE A 25 17.24 22.76 19.58
C ILE A 25 16.30 21.70 20.12
N CYS A 26 16.18 20.62 19.38
CA CYS A 26 15.20 19.66 19.79
C CYS A 26 15.56 18.29 19.28
N ASP A 27 15.16 17.28 20.05
CA ASP A 27 15.49 15.94 19.62
C ASP A 27 14.36 15.22 18.86
N VAL A 28 14.79 14.29 18.02
CA VAL A 28 13.85 13.47 17.28
C VAL A 28 14.16 11.96 17.40
N LEU A 29 13.17 11.23 17.95
CA LEU A 29 13.19 9.77 18.15
C LEU A 29 12.30 9.07 17.08
N VAL A 30 12.98 8.19 16.36
CA VAL A 30 12.44 7.40 15.27
C VAL A 30 12.42 5.86 15.53
N ALA A 31 11.32 5.23 15.16
CA ALA A 31 11.17 3.77 15.25
C ALA A 31 10.30 3.32 14.07
N ASN A 32 10.66 2.20 13.45
CA ASN A 32 9.90 1.66 12.35
C ASN A 32 9.59 2.68 11.25
N GLY A 33 10.55 3.57 10.97
CA GLY A 33 10.36 4.57 9.94
C GLY A 33 9.39 5.66 10.36
N LYS A 34 8.98 5.67 11.61
CA LYS A 34 8.06 6.69 12.05
C LYS A 34 8.70 7.60 13.09
N ILE A 35 8.26 8.85 13.13
CA ILE A 35 8.72 9.75 14.15
C ILE A 35 7.88 9.39 15.38
N ILE A 36 8.51 9.06 16.49
CA ILE A 36 7.67 8.68 17.63
C ILE A 36 7.69 9.68 18.79
N ALA A 37 8.68 10.58 18.74
CA ALA A 37 8.82 11.59 19.74
C ALA A 37 9.67 12.72 19.29
N VAL A 38 9.21 13.91 19.65
CA VAL A 38 9.96 15.11 19.33
C VAL A 38 10.02 15.92 20.61
N ALA A 39 11.22 16.14 21.11
CA ALA A 39 11.33 16.88 22.36
C ALA A 39 12.76 17.23 22.66
N SER A 40 12.93 18.19 23.57
CA SER A 40 14.29 18.57 23.92
C SER A 40 14.78 17.53 24.94
N ASN A 41 16.04 17.19 24.81
CA ASN A 41 16.68 16.23 25.70
C ASN A 41 16.00 14.87 25.90
N ILE A 42 16.05 14.08 24.84
CA ILE A 42 15.51 12.75 24.92
C ILE A 42 16.72 11.92 25.37
N PRO A 43 16.51 11.18 26.45
CA PRO A 43 17.52 10.36 27.07
C PRO A 43 18.05 9.34 26.12
N SER A 44 19.34 9.42 25.80
CA SER A 44 20.00 8.49 24.88
C SER A 44 19.82 7.00 25.15
N ASP A 45 19.22 6.66 26.27
CA ASP A 45 19.04 5.28 26.66
C ASP A 45 17.54 4.93 26.86
N ILE A 46 16.65 5.81 26.44
CA ILE A 46 15.20 5.64 26.58
C ILE A 46 14.62 4.35 25.94
N VAL A 47 15.32 3.85 24.91
CA VAL A 47 14.98 2.62 24.17
C VAL A 47 16.30 1.91 23.88
N PRO A 48 16.22 0.58 23.83
CA PRO A 48 17.36 -0.31 23.56
C PRO A 48 17.87 -0.32 22.10
N ASN A 49 19.12 -0.74 21.87
CA ASN A 49 19.64 -0.87 20.50
C ASN A 49 19.34 0.39 19.67
N CYS A 50 19.63 1.52 20.30
CA CYS A 50 19.35 2.79 19.69
C CYS A 50 20.55 3.39 19.04
N THR A 51 20.40 3.77 17.80
CA THR A 51 21.48 4.45 17.13
C THR A 51 21.33 5.93 17.46
N VAL A 52 22.38 6.54 18.02
CA VAL A 52 22.31 7.95 18.37
C VAL A 52 23.18 8.77 17.42
N VAL A 53 22.56 9.83 16.91
CA VAL A 53 23.19 10.71 15.97
C VAL A 53 23.30 12.14 16.52
N ASP A 54 24.56 12.56 16.67
CA ASP A 54 24.88 13.89 17.16
C ASP A 54 24.75 14.88 16.02
N LEU A 55 23.71 15.71 16.10
CA LEU A 55 23.47 16.68 15.05
C LEU A 55 23.77 18.09 15.49
N SER A 56 24.42 18.13 16.63
CA SER A 56 24.78 19.41 17.20
C SER A 56 25.47 20.29 16.13
N GLY A 57 24.97 21.50 16.08
CA GLY A 57 25.54 22.41 15.10
C GLY A 57 24.79 22.37 13.76
N GLN A 58 24.00 21.31 13.53
CA GLN A 58 23.22 21.12 12.31
C GLN A 58 21.79 21.53 12.42
N ILE A 59 21.19 21.45 11.25
CA ILE A 59 19.80 21.81 11.05
C ILE A 59 19.02 20.59 10.57
N LEU A 60 17.82 20.51 11.10
CA LEU A 60 16.97 19.40 10.77
C LEU A 60 15.64 19.88 10.24
N CYS A 61 15.27 19.37 9.08
CA CYS A 61 13.99 19.73 8.55
C CYS A 61 13.34 18.60 7.77
N PRO A 62 12.12 18.83 7.33
CA PRO A 62 11.44 17.77 6.63
C PRO A 62 11.98 17.59 5.23
N GLY A 63 11.86 16.35 4.75
CA GLY A 63 12.27 16.03 3.38
C GLY A 63 11.36 16.77 2.38
N PHE A 64 11.92 17.14 1.24
CA PHE A 64 11.13 17.81 0.23
C PHE A 64 10.19 16.86 -0.53
N ILE A 65 9.05 17.43 -0.90
CA ILE A 65 8.02 16.79 -1.70
C ILE A 65 8.02 17.50 -3.06
N ASP A 66 8.45 16.77 -4.10
CA ASP A 66 8.48 17.36 -5.44
C ASP A 66 7.32 16.81 -6.23
N GLN A 67 6.30 17.63 -6.48
CA GLN A 67 5.12 17.09 -7.13
C GLN A 67 5.07 17.14 -8.65
N HIS A 68 6.18 17.41 -9.32
CA HIS A 68 6.18 17.50 -10.75
C HIS A 68 7.47 16.96 -11.35
N VAL A 69 7.56 15.64 -11.46
CA VAL A 69 8.74 14.95 -11.99
C VAL A 69 8.35 13.95 -13.07
N HIS A 70 9.12 13.97 -14.14
CA HIS A 70 8.95 13.03 -15.24
C HIS A 70 9.79 11.79 -14.97
N LEU A 71 9.32 11.03 -13.99
CA LEU A 71 9.94 9.81 -13.46
C LEU A 71 10.46 8.84 -14.54
N ILE A 72 9.65 8.60 -15.59
CA ILE A 72 10.09 7.66 -16.65
C ILE A 72 10.83 8.33 -17.81
N GLY A 73 10.98 9.64 -17.78
CA GLY A 73 11.60 10.31 -18.92
C GLY A 73 10.51 11.14 -19.58
N GLY A 74 10.90 12.21 -20.26
CA GLY A 74 9.95 13.06 -20.93
C GLY A 74 10.57 13.43 -22.26
N GLY A 75 10.38 14.68 -22.61
CA GLY A 75 10.92 15.19 -23.87
C GLY A 75 10.25 14.52 -25.07
N GLY A 76 10.96 14.45 -26.18
CA GLY A 76 10.40 13.87 -27.40
C GLY A 76 9.89 14.93 -28.40
N GLU A 77 9.84 16.19 -27.97
CA GLU A 77 9.37 17.32 -28.78
C GLU A 77 10.18 17.64 -30.01
N ALA A 78 11.38 17.14 -30.07
CA ALA A 78 12.14 17.42 -31.25
C ALA A 78 12.55 16.10 -31.82
N GLY A 79 11.60 15.19 -31.81
CA GLY A 79 11.92 13.88 -32.35
C GLY A 79 12.41 12.93 -31.27
N PRO A 80 12.51 11.68 -31.69
CA PRO A 80 12.88 10.57 -30.82
C PRO A 80 14.18 10.66 -30.07
N THR A 81 15.20 11.37 -30.64
CA THR A 81 16.45 11.46 -29.90
C THR A 81 16.26 12.33 -28.62
N THR A 82 15.15 13.10 -28.55
CA THR A 82 14.89 13.98 -27.40
C THR A 82 14.11 13.42 -26.25
N ARG A 83 13.92 12.11 -26.25
CA ARG A 83 13.20 11.43 -25.19
C ARG A 83 14.16 11.29 -24.00
N THR A 84 13.88 11.95 -22.90
CA THR A 84 14.90 11.79 -21.87
C THR A 84 14.74 10.47 -21.16
N PRO A 85 15.78 10.16 -20.46
CA PRO A 85 15.87 8.91 -19.72
C PRO A 85 15.16 8.97 -18.36
N GLU A 86 14.91 7.81 -17.79
CA GLU A 86 14.21 7.74 -16.53
C GLU A 86 15.02 8.30 -15.39
N VAL A 87 14.34 8.64 -14.32
CA VAL A 87 14.99 9.22 -13.15
C VAL A 87 15.64 8.17 -12.29
N ALA A 88 16.81 8.49 -11.76
CA ALA A 88 17.50 7.55 -10.89
C ALA A 88 17.32 7.99 -9.46
N LEU A 89 17.12 6.98 -8.64
CA LEU A 89 16.96 7.21 -7.23
C LEU A 89 17.89 8.24 -6.59
N SER A 90 19.19 7.95 -6.64
CA SER A 90 20.14 8.85 -6.01
C SER A 90 19.99 10.32 -6.43
N ARG A 91 19.53 10.58 -7.65
CA ARG A 91 19.40 11.98 -8.06
C ARG A 91 18.36 12.72 -7.26
N LEU A 92 17.34 12.00 -6.85
CA LEU A 92 16.30 12.61 -6.08
C LEU A 92 16.74 12.84 -4.64
N THR A 93 17.25 11.77 -4.03
CA THR A 93 17.67 11.84 -2.65
C THR A 93 18.74 12.87 -2.42
N GLU A 94 19.75 12.87 -3.27
CA GLU A 94 20.79 13.88 -3.09
C GLU A 94 20.26 15.28 -3.19
N ALA A 95 19.13 15.46 -3.90
CA ALA A 95 18.54 16.77 -4.04
C ALA A 95 17.63 17.09 -2.85
N GLY A 96 17.52 16.14 -1.89
CA GLY A 96 16.68 16.39 -0.74
C GLY A 96 15.21 15.94 -0.91
N VAL A 97 14.89 15.27 -2.02
CA VAL A 97 13.53 14.80 -2.30
C VAL A 97 13.23 13.44 -1.71
N THR A 98 12.21 13.35 -0.88
CA THR A 98 11.90 12.09 -0.26
C THR A 98 10.53 11.57 -0.68
N SER A 99 9.74 12.47 -1.28
CA SER A 99 8.38 12.16 -1.79
C SER A 99 8.24 12.80 -3.17
N VAL A 100 7.73 12.03 -4.14
CA VAL A 100 7.60 12.56 -5.49
C VAL A 100 6.24 12.25 -6.11
N VAL A 101 5.80 13.11 -7.03
CA VAL A 101 4.60 12.84 -7.80
C VAL A 101 5.04 12.81 -9.28
N GLY A 102 4.88 11.64 -9.94
CA GLY A 102 5.28 11.46 -11.35
C GLY A 102 4.15 11.75 -12.31
N LEU A 103 4.52 12.24 -13.50
CA LEU A 103 3.47 12.58 -14.46
C LEU A 103 4.09 12.51 -15.85
N LEU A 104 3.22 12.61 -16.84
CA LEU A 104 3.61 12.60 -18.27
C LEU A 104 3.36 14.00 -18.79
N GLY A 105 3.96 14.25 -19.96
CA GLY A 105 3.90 15.55 -20.63
C GLY A 105 3.29 15.45 -22.03
N THR A 106 3.99 16.11 -22.93
CA THR A 106 3.64 16.19 -24.34
C THR A 106 3.37 14.81 -24.96
N ASP A 107 4.33 13.93 -24.81
CA ASP A 107 4.28 12.60 -25.38
C ASP A 107 3.58 11.58 -24.53
N SER A 108 2.45 11.15 -25.06
CA SER A 108 1.72 10.11 -24.42
C SER A 108 1.54 9.05 -25.50
N ILE A 109 2.45 8.96 -26.45
CA ILE A 109 2.39 7.97 -27.54
C ILE A 109 3.45 6.92 -27.30
N SER A 110 4.65 7.38 -26.91
CA SER A 110 5.75 6.48 -26.62
C SER A 110 5.91 6.35 -25.13
N ARG A 111 5.05 7.11 -24.38
CA ARG A 111 5.09 7.11 -22.89
C ARG A 111 3.70 6.66 -22.43
N HIS A 112 3.65 5.74 -21.46
CA HIS A 112 2.38 5.19 -21.00
C HIS A 112 2.25 5.22 -19.49
N PRO A 113 0.98 5.39 -19.02
CA PRO A 113 0.71 5.42 -17.58
C PRO A 113 1.10 4.12 -16.94
N GLU A 114 0.97 2.99 -17.65
CA GLU A 114 1.38 1.73 -17.03
C GLU A 114 2.86 1.72 -16.71
N SER A 115 3.65 2.35 -17.57
CA SER A 115 5.10 2.40 -17.33
C SER A 115 5.38 3.28 -16.13
N LEU A 116 4.75 4.45 -16.13
CA LEU A 116 4.83 5.40 -15.06
C LEU A 116 4.44 4.70 -13.75
N LEU A 117 3.33 3.94 -13.77
CA LEU A 117 2.92 3.28 -12.54
C LEU A 117 3.98 2.32 -12.02
N ALA A 118 4.57 1.56 -12.93
CA ALA A 118 5.61 0.61 -12.49
C ALA A 118 6.80 1.32 -11.85
N LYS A 119 7.25 2.38 -12.49
CA LYS A 119 8.41 3.17 -11.99
C LYS A 119 8.11 3.76 -10.61
N THR A 120 6.87 4.23 -10.46
CA THR A 120 6.40 4.78 -9.15
C THR A 120 6.55 3.73 -8.05
N ARG A 121 6.12 2.51 -8.40
CA ARG A 121 6.18 1.45 -7.43
C ARG A 121 7.62 1.04 -7.13
N ALA A 122 8.49 1.05 -8.14
CA ALA A 122 9.89 0.69 -7.92
C ALA A 122 10.55 1.62 -6.89
N LEU A 123 10.28 2.91 -7.05
CA LEU A 123 10.78 3.96 -6.16
C LEU A 123 10.29 3.78 -4.73
N ASN A 124 9.04 3.40 -4.55
CA ASN A 124 8.57 3.17 -3.22
C ASN A 124 9.34 1.98 -2.65
N GLU A 125 9.50 0.92 -3.42
CA GLU A 125 10.21 -0.22 -2.94
C GLU A 125 11.66 0.15 -2.68
N GLU A 126 12.20 1.01 -3.51
CA GLU A 126 13.59 1.40 -3.30
C GLU A 126 13.80 2.28 -2.05
N GLY A 127 12.78 2.86 -1.47
CA GLY A 127 13.05 3.61 -0.26
C GLY A 127 12.35 4.94 -0.10
N ILE A 128 11.88 5.55 -1.20
CA ILE A 128 11.20 6.83 -1.04
C ILE A 128 9.70 6.67 -1.17
N SER A 129 8.99 7.77 -1.31
CA SER A 129 7.53 7.73 -1.44
C SER A 129 7.17 8.34 -2.78
N ALA A 130 6.34 7.63 -3.55
CA ALA A 130 5.96 8.08 -4.89
C ALA A 130 4.50 7.82 -5.24
N TRP A 131 3.88 8.79 -5.95
CA TRP A 131 2.48 8.71 -6.44
C TRP A 131 2.53 9.19 -7.88
N MET A 132 1.41 9.25 -8.56
CA MET A 132 1.43 9.72 -9.93
C MET A 132 0.07 10.29 -10.28
N LEU A 133 0.05 10.96 -11.43
CA LEU A 133 -1.12 11.53 -12.05
C LEU A 133 -1.41 10.70 -13.27
N THR A 134 -2.67 10.46 -13.55
CA THR A 134 -3.00 9.76 -14.76
C THR A 134 -3.10 10.87 -15.84
N GLY A 135 -3.34 10.47 -17.09
CA GLY A 135 -3.43 11.42 -18.18
C GLY A 135 -2.06 11.93 -18.61
N ALA A 136 -2.06 13.07 -19.34
CA ALA A 136 -0.83 13.69 -19.88
C ALA A 136 -1.30 14.95 -20.59
N PHE A 137 -0.50 15.54 -21.47
CA PHE A 137 -1.02 16.76 -22.12
C PHE A 137 -2.39 16.54 -22.77
N HIS A 138 -2.53 15.40 -23.48
CA HIS A 138 -3.74 15.06 -24.23
C HIS A 138 -5.04 15.00 -23.43
N VAL A 139 -6.01 15.62 -24.05
CA VAL A 139 -7.37 15.65 -23.53
C VAL A 139 -8.20 15.31 -24.74
N PRO A 140 -9.07 14.30 -24.67
CA PRO A 140 -9.37 13.49 -23.51
C PRO A 140 -8.17 12.67 -23.07
N SER A 141 -8.12 12.39 -21.78
CA SER A 141 -7.00 11.70 -21.16
C SER A 141 -6.77 10.31 -21.64
N ARG A 142 -5.49 9.96 -21.68
CA ARG A 142 -5.08 8.60 -21.97
C ARG A 142 -4.93 7.96 -20.61
N THR A 143 -5.72 6.93 -20.31
CA THR A 143 -5.67 6.42 -18.95
C THR A 143 -5.34 4.95 -18.94
N ILE A 144 -5.24 4.42 -17.74
CA ILE A 144 -4.97 3.01 -17.54
C ILE A 144 -6.23 2.15 -17.64
N THR A 145 -7.30 2.57 -16.95
CA THR A 145 -8.49 1.74 -16.98
C THR A 145 -9.50 2.15 -18.01
N GLY A 146 -9.23 3.23 -18.76
CA GLY A 146 -10.22 3.67 -19.74
C GLY A 146 -11.09 4.83 -19.22
N SER A 147 -10.96 5.12 -17.93
CA SER A 147 -11.72 6.20 -17.32
C SER A 147 -10.85 6.94 -16.31
N VAL A 148 -10.92 8.25 -16.34
CA VAL A 148 -10.19 9.08 -15.39
C VAL A 148 -10.75 8.82 -13.98
N GLU A 149 -12.09 8.81 -13.88
CA GLU A 149 -12.72 8.56 -12.59
C GLU A 149 -12.25 7.20 -12.04
N LYS A 150 -12.32 6.17 -12.87
CA LYS A 150 -11.90 4.81 -12.48
C LYS A 150 -10.41 4.74 -12.11
N ASP A 151 -9.55 5.38 -12.91
CA ASP A 151 -8.11 5.38 -12.55
C ASP A 151 -7.88 5.95 -11.16
N VAL A 152 -8.49 7.12 -10.90
CA VAL A 152 -8.27 7.77 -9.59
C VAL A 152 -8.87 6.98 -8.42
N ALA A 153 -10.04 6.38 -8.69
CA ALA A 153 -10.66 5.62 -7.68
C ALA A 153 -9.97 4.29 -7.41
N ILE A 154 -9.56 3.58 -8.45
CA ILE A 154 -9.04 2.28 -8.14
C ILE A 154 -7.56 1.98 -8.21
N ILE A 155 -6.78 2.85 -8.83
CA ILE A 155 -5.35 2.52 -8.89
C ILE A 155 -4.73 3.22 -7.70
N ASP A 156 -4.26 2.42 -6.76
CA ASP A 156 -3.72 2.97 -5.53
C ASP A 156 -2.82 4.20 -5.61
N ARG A 157 -1.80 4.17 -6.45
CA ARG A 157 -0.83 5.27 -6.59
C ARG A 157 -1.33 6.48 -7.36
N VAL A 158 -2.51 6.40 -7.96
CA VAL A 158 -2.95 7.53 -8.76
C VAL A 158 -3.67 8.52 -7.87
N ILE A 159 -3.26 9.81 -7.92
CA ILE A 159 -3.95 10.80 -7.08
C ILE A 159 -4.76 11.90 -7.79
N GLY A 160 -4.69 11.96 -9.11
CA GLY A 160 -5.39 12.98 -9.91
C GLY A 160 -4.99 12.83 -11.35
N VAL A 161 -5.19 13.87 -12.12
CA VAL A 161 -4.94 13.78 -13.53
C VAL A 161 -4.24 15.01 -14.02
N KCX A 162 -3.47 14.80 -15.05
CA KCX A 162 -2.75 15.88 -15.64
CB KCX A 162 -1.32 15.36 -15.84
CG KCX A 162 -0.43 16.19 -16.79
CD KCX A 162 0.17 17.36 -16.03
CE KCX A 162 1.03 18.27 -16.87
NZ KCX A 162 2.17 17.50 -17.36
C KCX A 162 -3.38 16.25 -17.00
O KCX A 162 -4.02 15.42 -17.66
CX KCX A 162 3.26 18.45 -17.26
OQ1 KCX A 162 3.09 19.61 -16.95
OQ2 KCX A 162 4.40 17.91 -17.61
N CYS A 163 -3.16 17.50 -17.42
CA CYS A 163 -3.57 18.05 -18.74
C CYS A 163 -2.73 19.30 -19.11
N ALA A 164 -2.91 19.81 -20.35
CA ALA A 164 -2.24 21.01 -20.76
C ALA A 164 -3.27 21.93 -21.40
N ILE A 165 -3.12 23.22 -21.13
CA ILE A 165 -3.97 24.24 -21.72
C ILE A 165 -3.08 25.45 -22.04
N SER A 166 -3.60 26.36 -22.91
CA SER A 166 -2.94 27.58 -23.31
C SER A 166 -1.52 27.34 -23.74
N ASP A 167 -1.32 26.33 -24.56
CA ASP A 167 -0.01 25.96 -24.97
C ASP A 167 -0.15 25.38 -26.36
N HIS A 168 0.85 25.68 -27.18
CA HIS A 168 0.80 25.21 -28.56
C HIS A 168 1.00 23.69 -28.65
N ARG A 169 1.21 23.00 -27.52
CA ARG A 169 1.31 21.55 -27.53
C ARG A 169 0.03 20.91 -26.97
N SER A 170 -1.03 21.72 -26.78
CA SER A 170 -2.27 21.13 -26.26
C SER A 170 -3.03 20.33 -27.34
N ALA A 171 -4.16 19.73 -26.89
CA ALA A 171 -5.09 18.95 -27.72
C ALA A 171 -6.31 19.79 -28.10
N ALA A 172 -6.19 21.09 -27.86
CA ALA A 172 -7.27 22.00 -28.19
C ALA A 172 -8.57 21.62 -27.47
N PRO A 173 -8.44 21.29 -26.18
CA PRO A 173 -9.65 20.92 -25.49
C PRO A 173 -10.67 22.05 -25.39
N ASP A 174 -11.94 21.67 -25.45
CA ASP A 174 -12.99 22.64 -25.23
C ASP A 174 -13.37 22.57 -23.73
N VAL A 175 -14.20 23.49 -23.26
CA VAL A 175 -14.54 23.51 -21.85
C VAL A 175 -15.24 22.25 -21.34
N TYR A 176 -16.12 21.68 -22.15
CA TYR A 176 -16.80 20.50 -21.64
C TYR A 176 -15.81 19.37 -21.31
N HIS A 177 -14.87 19.20 -22.24
CA HIS A 177 -13.88 18.16 -22.07
C HIS A 177 -13.04 18.39 -20.83
N LEU A 178 -12.70 19.62 -20.58
CA LEU A 178 -11.92 19.89 -19.41
C LEU A 178 -12.72 19.67 -18.14
N ALA A 179 -13.95 20.20 -18.17
CA ALA A 179 -14.85 20.10 -17.01
C ALA A 179 -15.16 18.63 -16.67
N ASN A 180 -15.48 17.86 -17.66
CA ASN A 180 -15.74 16.48 -17.40
C ASN A 180 -14.52 15.76 -16.75
N MET A 181 -13.33 16.01 -17.29
CA MET A 181 -12.12 15.41 -16.76
C MET A 181 -11.89 15.85 -15.33
N ALA A 182 -12.01 17.16 -15.04
CA ALA A 182 -11.80 17.57 -13.64
C ALA A 182 -12.79 16.94 -12.66
N ALA A 183 -14.05 16.86 -13.13
CA ALA A 183 -15.13 16.31 -12.32
C ALA A 183 -14.91 14.82 -12.02
N GLU A 184 -14.37 14.12 -13.03
CA GLU A 184 -14.05 12.71 -12.88
C GLU A 184 -12.95 12.54 -11.86
N SER A 185 -11.89 13.34 -11.99
CA SER A 185 -10.80 13.29 -11.03
C SER A 185 -11.31 13.53 -9.59
N ARG A 186 -12.17 14.56 -9.49
CA ARG A 186 -12.73 14.94 -8.21
C ARG A 186 -13.49 13.76 -7.53
N VAL A 187 -14.41 13.20 -8.30
CA VAL A 187 -15.25 12.14 -7.80
C VAL A 187 -14.45 10.88 -7.52
N GLY A 188 -13.55 10.58 -8.44
CA GLY A 188 -12.71 9.40 -8.26
C GLY A 188 -11.87 9.51 -6.97
N GLY A 189 -11.46 10.73 -6.64
CA GLY A 189 -10.64 10.91 -5.43
C GLY A 189 -11.44 10.71 -4.15
N LEU A 190 -12.72 11.12 -4.13
CA LEU A 190 -13.56 10.89 -2.94
C LEU A 190 -13.72 9.40 -2.70
N LEU A 191 -13.97 8.71 -3.80
CA LEU A 191 -14.18 7.27 -3.75
C LEU A 191 -12.90 6.56 -3.35
N GLY A 192 -11.79 7.02 -3.92
CA GLY A 192 -10.52 6.36 -3.66
C GLY A 192 -9.77 6.93 -2.47
N GLY A 193 -10.24 8.03 -1.90
CA GLY A 193 -9.49 8.56 -0.79
C GLY A 193 -8.24 9.30 -1.28
N LYS A 194 -8.36 9.98 -2.40
CA LYS A 194 -7.25 10.71 -2.99
C LYS A 194 -7.69 12.15 -3.04
N PRO A 195 -6.74 13.07 -3.21
CA PRO A 195 -7.05 14.49 -3.36
C PRO A 195 -7.94 14.73 -4.58
N GLY A 196 -7.76 13.95 -5.63
CA GLY A 196 -8.58 14.12 -6.81
C GLY A 196 -8.33 15.45 -7.49
N VAL A 197 -7.05 15.85 -7.67
CA VAL A 197 -6.75 17.15 -8.28
C VAL A 197 -6.59 17.06 -9.78
N THR A 198 -6.62 18.23 -10.36
CA THR A 198 -6.40 18.40 -11.77
C THR A 198 -5.26 19.39 -11.84
N VAL A 199 -4.18 19.00 -12.52
CA VAL A 199 -2.99 19.79 -12.68
C VAL A 199 -2.89 20.30 -14.12
N PHE A 200 -2.79 21.63 -14.27
CA PHE A 200 -2.73 22.15 -15.61
C PHE A 200 -1.37 22.69 -16.00
N HIS A 201 -0.75 22.06 -16.98
CA HIS A 201 0.51 22.56 -17.53
C HIS A 201 0.11 23.85 -18.23
N MET A 202 0.70 24.97 -17.86
CA MET A 202 0.34 26.21 -18.56
C MET A 202 1.40 26.53 -19.62
N GLY A 203 0.99 26.99 -20.79
CA GLY A 203 1.96 27.38 -21.78
C GLY A 203 1.92 28.91 -21.91
N ASP A 204 2.42 29.44 -23.03
CA ASP A 204 2.49 30.87 -23.25
C ASP A 204 1.35 31.55 -23.96
N SER A 205 0.23 30.85 -24.11
CA SER A 205 -0.89 31.49 -24.79
C SER A 205 -1.40 32.72 -24.06
N LYS A 206 -1.81 33.73 -24.81
CA LYS A 206 -2.34 34.94 -24.19
C LYS A 206 -3.61 34.64 -23.43
N LYS A 207 -4.28 33.55 -23.75
CA LYS A 207 -5.51 33.22 -23.04
C LYS A 207 -5.22 32.93 -21.57
N ALA A 208 -3.96 32.60 -21.28
CA ALA A 208 -3.54 32.32 -19.92
C ALA A 208 -4.54 31.48 -19.12
N LEU A 209 -5.00 31.95 -17.94
CA LEU A 209 -5.90 31.18 -17.03
C LEU A 209 -7.36 31.05 -17.40
N GLN A 210 -7.72 31.73 -18.43
CA GLN A 210 -9.08 31.72 -18.91
C GLN A 210 -9.83 30.37 -18.90
N PRO A 211 -9.23 29.34 -19.52
CA PRO A 211 -9.91 28.05 -19.56
C PRO A 211 -10.30 27.56 -18.15
N ILE A 212 -9.48 27.90 -17.16
CA ILE A 212 -9.77 27.54 -15.78
C ILE A 212 -10.99 28.27 -15.28
N TYR A 213 -11.04 29.56 -15.58
CA TYR A 213 -12.21 30.32 -15.20
C TYR A 213 -13.45 29.80 -15.91
N ASP A 214 -13.29 29.50 -17.19
CA ASP A 214 -14.41 28.96 -17.96
C ASP A 214 -14.95 27.71 -17.30
N LEU A 215 -13.99 26.86 -16.95
CA LEU A 215 -14.29 25.61 -16.31
C LEU A 215 -15.11 25.79 -15.05
N LEU A 216 -14.62 26.67 -14.21
CA LEU A 216 -15.31 26.87 -12.96
C LEU A 216 -16.72 27.33 -13.17
N GLU A 217 -16.96 28.00 -14.27
CA GLU A 217 -18.31 28.45 -14.51
C GLU A 217 -19.11 27.30 -15.05
N ASN A 218 -18.45 26.27 -15.50
CA ASN A 218 -19.22 25.18 -16.05
C ASN A 218 -19.26 23.91 -15.23
N CYS A 219 -18.89 23.98 -13.98
CA CYS A 219 -18.97 22.77 -13.17
C CYS A 219 -18.93 23.18 -11.70
N ASP A 220 -18.98 22.20 -10.80
CA ASP A 220 -18.96 22.43 -9.36
C ASP A 220 -17.75 21.86 -8.64
N VAL A 221 -16.66 21.65 -9.39
CA VAL A 221 -15.41 21.17 -8.80
C VAL A 221 -14.84 22.34 -8.01
N PRO A 222 -14.43 22.08 -6.81
CA PRO A 222 -13.93 23.16 -6.01
C PRO A 222 -12.61 23.73 -6.53
N ILE A 223 -12.45 25.03 -6.37
CA ILE A 223 -11.25 25.67 -6.83
C ILE A 223 -9.96 25.06 -6.20
N SER A 224 -10.08 24.50 -5.01
CA SER A 224 -8.94 23.93 -4.31
C SER A 224 -8.44 22.61 -4.92
N LYS A 225 -9.13 22.20 -5.97
CA LYS A 225 -8.70 20.94 -6.64
C LYS A 225 -7.93 21.22 -7.95
N LEU A 226 -7.86 22.51 -8.30
CA LEU A 226 -7.28 22.93 -9.58
C LEU A 226 -5.92 23.57 -9.47
N LEU A 227 -4.94 22.88 -10.05
CA LEU A 227 -3.58 23.39 -9.94
C LEU A 227 -2.91 23.83 -11.23
N PRO A 228 -2.78 25.12 -11.34
CA PRO A 228 -2.06 25.60 -12.49
C PRO A 228 -0.56 25.54 -12.10
N THR A 229 0.28 25.05 -13.04
CA THR A 229 1.70 24.92 -12.84
C THR A 229 2.50 25.72 -13.89
N HIS A 230 3.81 26.00 -13.65
CA HIS A 230 4.66 26.81 -14.54
C HIS A 230 4.15 28.27 -14.62
N VAL A 231 3.53 28.76 -13.55
CA VAL A 231 2.92 30.08 -13.51
C VAL A 231 3.89 31.25 -13.70
N ASN A 232 5.19 31.00 -13.36
CA ASN A 232 6.28 31.98 -13.47
C ASN A 232 6.84 32.11 -14.88
N ARG A 233 6.28 31.37 -15.85
CA ARG A 233 6.77 31.32 -17.25
C ARG A 233 6.63 32.59 -18.07
N ASN A 234 5.65 33.39 -17.69
CA ASN A 234 5.41 34.68 -18.31
C ASN A 234 4.73 35.58 -17.31
N VAL A 235 5.00 36.85 -17.50
CA VAL A 235 4.51 37.84 -16.59
C VAL A 235 3.03 37.97 -16.42
N PRO A 236 2.37 38.14 -17.56
CA PRO A 236 0.93 38.27 -17.54
C PRO A 236 0.24 37.06 -16.90
N LEU A 237 0.72 35.85 -17.24
CA LEU A 237 0.18 34.65 -16.64
C LEU A 237 0.49 34.71 -15.14
N PHE A 238 1.71 35.08 -14.84
CA PHE A 238 2.07 35.12 -13.41
C PHE A 238 1.12 36.02 -12.62
N GLU A 239 0.93 37.21 -13.16
CA GLU A 239 0.03 38.16 -12.51
C GLU A 239 -1.35 37.56 -12.36
N GLN A 240 -1.82 36.79 -13.35
CA GLN A 240 -3.16 36.21 -13.18
C GLN A 240 -3.19 35.10 -12.17
N ALA A 241 -2.05 34.41 -12.04
CA ALA A 241 -2.00 33.36 -11.07
C ALA A 241 -2.17 33.96 -9.68
N LEU A 242 -1.61 35.17 -9.43
CA LEU A 242 -1.76 35.76 -8.10
C LEU A 242 -3.22 36.00 -7.74
N GLU A 243 -3.99 36.42 -8.72
CA GLU A 243 -5.40 36.69 -8.52
C GLU A 243 -6.08 35.41 -8.34
N PHE A 244 -5.64 34.41 -9.09
CA PHE A 244 -6.23 33.11 -8.90
C PHE A 244 -6.02 32.65 -7.44
N ALA A 245 -4.78 32.80 -6.94
CA ALA A 245 -4.47 32.38 -5.58
C ALA A 245 -5.28 33.20 -4.59
N ARG A 246 -5.37 34.48 -4.93
CA ARG A 246 -6.14 35.39 -4.12
C ARG A 246 -7.58 34.92 -3.89
N LYS A 247 -8.15 34.30 -4.91
CA LYS A 247 -9.50 33.78 -4.86
C LYS A 247 -9.60 32.46 -4.09
N GLY A 248 -8.47 31.89 -3.69
CA GLY A 248 -8.61 30.63 -2.97
C GLY A 248 -7.89 29.48 -3.65
N GLY A 249 -7.35 29.72 -4.83
CA GLY A 249 -6.60 28.66 -5.50
C GLY A 249 -5.14 28.65 -4.98
N THR A 250 -4.49 27.53 -5.28
CA THR A 250 -3.10 27.29 -4.95
C THR A 250 -2.35 27.35 -6.29
N ILE A 251 -1.14 27.88 -6.31
CA ILE A 251 -0.39 28.01 -7.55
C ILE A 251 0.94 27.33 -7.40
N ASP A 252 1.36 26.71 -8.48
CA ASP A 252 2.61 25.98 -8.46
C ASP A 252 3.64 26.69 -9.34
N ILE A 253 4.74 27.04 -8.69
CA ILE A 253 5.86 27.72 -9.32
C ILE A 253 6.88 26.65 -9.70
N THR A 254 7.52 26.79 -10.88
CA THR A 254 8.50 25.83 -11.34
C THR A 254 9.90 26.34 -11.10
N SER A 255 10.65 25.51 -10.37
CA SER A 255 12.00 25.82 -9.98
C SER A 255 12.98 25.86 -11.11
N SER A 256 12.63 25.18 -12.20
CA SER A 256 13.52 25.13 -13.32
C SER A 256 13.30 26.25 -14.32
N ILE A 257 12.39 27.17 -14.02
CA ILE A 257 12.14 28.30 -14.90
C ILE A 257 12.73 29.52 -14.20
N ASP A 258 13.75 30.09 -14.83
CA ASP A 258 14.48 31.24 -14.24
C ASP A 258 14.04 32.64 -14.65
N GLU A 259 13.45 32.71 -15.80
CA GLU A 259 13.01 33.96 -16.39
C GLU A 259 11.65 33.72 -17.01
N PRO A 260 10.80 34.72 -17.11
CA PRO A 260 11.03 36.08 -16.65
C PRO A 260 10.80 36.24 -15.15
N VAL A 261 10.20 35.25 -14.49
CA VAL A 261 9.95 35.32 -13.05
C VAL A 261 10.69 34.19 -12.38
N ALA A 262 11.78 34.54 -11.71
CA ALA A 262 12.54 33.53 -11.04
C ALA A 262 11.69 32.92 -9.92
N PRO A 263 12.03 31.68 -9.56
CA PRO A 263 11.26 30.98 -8.56
C PRO A 263 11.16 31.71 -7.21
N ALA A 264 12.31 32.15 -6.68
CA ALA A 264 12.32 32.84 -5.38
C ALA A 264 11.56 34.16 -5.46
N GLU A 265 11.78 34.81 -6.59
CA GLU A 265 11.13 36.05 -6.86
C GLU A 265 9.64 35.81 -6.88
N GLY A 266 9.27 34.73 -7.58
CA GLY A 266 7.88 34.32 -7.64
C GLY A 266 7.23 34.18 -6.26
N ILE A 267 7.89 33.42 -5.42
CA ILE A 267 7.39 33.20 -4.07
C ILE A 267 7.36 34.49 -3.26
N ALA A 268 8.39 35.33 -3.45
CA ALA A 268 8.45 36.61 -2.72
C ALA A 268 7.25 37.49 -3.11
N ARG A 269 6.99 37.56 -4.42
CA ARG A 269 5.91 38.37 -4.87
C ARG A 269 4.56 37.91 -4.39
N ALA A 270 4.40 36.60 -4.27
CA ALA A 270 3.13 36.09 -3.78
C ALA A 270 2.88 36.62 -2.36
N VAL A 271 3.94 36.56 -1.57
CA VAL A 271 3.92 37.03 -0.19
C VAL A 271 3.64 38.53 -0.16
N GLN A 272 4.35 39.28 -1.03
CA GLN A 272 4.12 40.71 -1.12
C GLN A 272 2.66 40.98 -1.49
N ALA A 273 2.08 40.10 -2.33
CA ALA A 273 0.71 40.27 -2.77
C ALA A 273 -0.28 39.90 -1.72
N GLY A 274 0.18 39.35 -0.62
CA GLY A 274 -0.71 38.99 0.45
C GLY A 274 -1.18 37.52 0.42
N ILE A 275 -0.52 36.70 -0.41
CA ILE A 275 -0.95 35.33 -0.49
C ILE A 275 -0.30 34.46 0.59
N PRO A 276 -1.10 33.65 1.29
CA PRO A 276 -0.52 32.80 2.33
C PRO A 276 0.32 31.71 1.70
N LEU A 277 1.48 31.45 2.29
CA LEU A 277 2.38 30.45 1.77
C LEU A 277 1.70 29.09 1.62
N ALA A 278 0.62 28.92 2.36
CA ALA A 278 -0.05 27.66 2.29
C ALA A 278 -0.55 27.41 0.87
N ARG A 279 -0.74 28.47 0.11
CA ARG A 279 -1.29 28.36 -1.21
C ARG A 279 -0.30 28.49 -2.36
N VAL A 280 0.97 28.29 -2.02
CA VAL A 280 2.05 28.38 -2.97
C VAL A 280 2.94 27.17 -2.87
N THR A 281 3.14 26.47 -3.98
CA THR A 281 4.02 25.33 -3.95
C THR A 281 5.10 25.54 -5.00
N LEU A 282 6.15 24.74 -4.90
CA LEU A 282 7.27 24.80 -5.76
C LEU A 282 7.59 23.39 -6.20
N SER A 283 7.72 23.18 -7.51
CA SER A 283 8.01 21.85 -8.08
C SER A 283 9.11 22.00 -9.11
N SER A 284 9.77 20.90 -9.47
CA SER A 284 10.88 21.01 -10.35
C SER A 284 10.67 20.87 -11.84
N ASP A 285 9.73 20.02 -12.24
CA ASP A 285 9.59 19.66 -13.64
C ASP A 285 10.86 18.86 -14.03
N GLY A 286 11.49 18.25 -13.00
CA GLY A 286 12.71 17.47 -13.18
C GLY A 286 12.57 16.33 -14.20
N ASN A 287 13.64 16.17 -14.97
CA ASN A 287 13.73 15.16 -16.02
C ASN A 287 12.94 15.47 -17.30
N GLY A 288 12.42 16.70 -17.40
CA GLY A 288 11.66 17.15 -18.56
C GLY A 288 12.55 17.67 -19.70
N GLY A 303 16.78 21.82 -22.89
CA GLY A 303 17.64 20.90 -22.16
C GLY A 303 16.89 19.96 -21.19
N VAL A 304 17.70 19.19 -20.42
CA VAL A 304 17.23 18.21 -19.42
C VAL A 304 17.35 18.55 -17.90
N ALA A 305 16.21 19.02 -17.40
CA ALA A 305 15.97 19.44 -16.05
C ALA A 305 16.44 18.51 -14.91
N GLY A 306 17.17 19.12 -13.98
CA GLY A 306 17.65 18.48 -12.77
C GLY A 306 16.81 18.94 -11.57
N PHE A 307 17.27 18.55 -10.38
CA PHE A 307 16.60 18.86 -9.13
C PHE A 307 17.34 19.83 -8.23
N GLU A 308 18.49 20.31 -8.62
CA GLU A 308 19.22 21.21 -7.71
C GLU A 308 18.50 22.53 -7.49
N THR A 309 17.62 22.88 -8.40
CA THR A 309 16.95 24.15 -8.27
C THR A 309 16.02 24.27 -7.09
N LEU A 310 15.65 23.12 -6.53
CA LEU A 310 14.76 23.14 -5.38
C LEU A 310 15.52 23.74 -4.19
N LEU A 311 16.63 23.07 -3.82
CA LEU A 311 17.44 23.57 -2.72
C LEU A 311 17.91 24.99 -2.99
N GLU A 312 18.31 25.24 -4.24
CA GLU A 312 18.77 26.55 -4.60
C GLU A 312 17.77 27.62 -4.25
N THR A 313 16.54 27.34 -4.59
CA THR A 313 15.49 28.30 -4.29
C THR A 313 15.41 28.64 -2.80
N VAL A 314 15.39 27.62 -1.94
CA VAL A 314 15.32 27.80 -0.49
C VAL A 314 16.46 28.70 -0.01
N GLN A 315 17.66 28.39 -0.48
CA GLN A 315 18.83 29.14 -0.14
C GLN A 315 18.70 30.57 -0.54
N VAL A 316 18.30 30.82 -1.77
CA VAL A 316 18.14 32.18 -2.24
C VAL A 316 17.12 32.95 -1.41
N LEU A 317 16.02 32.30 -1.11
CA LEU A 317 15.00 33.00 -0.34
C LEU A 317 15.53 33.49 1.01
N VAL A 318 16.33 32.64 1.65
CA VAL A 318 16.85 32.98 2.98
C VAL A 318 17.96 34.02 2.89
N LYS A 319 18.88 33.73 1.99
CA LYS A 319 20.05 34.52 1.73
C LYS A 319 19.79 35.81 0.96
N ASP A 320 18.96 35.85 -0.07
CA ASP A 320 18.83 37.17 -0.69
C ASP A 320 17.49 37.79 -0.48
N TYR A 321 16.60 37.10 0.17
CA TYR A 321 15.29 37.70 0.27
C TYR A 321 14.78 37.92 1.67
N ASP A 322 15.56 37.58 2.68
CA ASP A 322 15.00 37.80 4.03
C ASP A 322 13.85 36.91 4.47
N PHE A 323 13.68 35.75 3.88
CA PHE A 323 12.63 34.88 4.38
C PHE A 323 13.21 34.09 5.56
N SER A 324 12.38 33.66 6.47
CA SER A 324 12.94 32.84 7.50
C SER A 324 13.07 31.46 6.87
N ILE A 325 13.88 30.62 7.50
CA ILE A 325 14.09 29.26 7.04
C ILE A 325 12.76 28.53 7.03
N SER A 326 12.00 28.75 8.06
CA SER A 326 10.70 28.11 8.16
C SER A 326 9.81 28.47 7.02
N ASP A 327 9.78 29.74 6.71
CA ASP A 327 8.90 30.16 5.65
C ASP A 327 9.41 29.68 4.32
N ALA A 328 10.71 29.75 4.14
CA ALA A 328 11.34 29.30 2.93
C ALA A 328 11.00 27.85 2.62
N LEU A 329 10.88 27.03 3.67
CA LEU A 329 10.61 25.62 3.54
C LEU A 329 9.19 25.21 3.12
N ARG A 330 8.23 26.04 3.50
CA ARG A 330 6.82 25.72 3.23
C ARG A 330 6.42 25.21 1.86
N PRO A 331 6.80 25.93 0.82
CA PRO A 331 6.40 25.54 -0.53
C PRO A 331 6.85 24.16 -1.00
N LEU A 332 7.85 23.61 -0.33
CA LEU A 332 8.44 22.31 -0.63
C LEU A 332 8.01 21.21 0.34
N THR A 333 7.36 21.67 1.40
CA THR A 333 7.03 20.70 2.45
C THR A 333 5.53 20.73 2.84
N SER A 334 5.28 21.48 3.92
CA SER A 334 3.93 21.59 4.42
C SER A 334 2.89 22.07 3.39
N SER A 335 3.24 23.00 2.48
CA SER A 335 2.22 23.48 1.54
C SER A 335 1.79 22.36 0.57
N VAL A 336 2.79 21.58 0.10
CA VAL A 336 2.56 20.44 -0.82
C VAL A 336 1.76 19.34 -0.13
N ALA A 337 2.24 18.92 1.04
CA ALA A 337 1.53 17.86 1.74
C ALA A 337 0.08 18.21 1.96
N GLY A 338 -0.06 19.52 2.24
CA GLY A 338 -1.32 20.16 2.53
C GLY A 338 -2.20 20.11 1.32
N PHE A 339 -1.67 20.57 0.19
CA PHE A 339 -2.48 20.54 -1.03
C PHE A 339 -2.91 19.14 -1.51
N LEU A 340 -1.96 18.23 -1.43
CA LEU A 340 -2.22 16.86 -1.88
C LEU A 340 -2.72 15.91 -0.82
N ASN A 341 -2.95 16.46 0.38
CA ASN A 341 -3.40 15.66 1.49
C ASN A 341 -2.49 14.45 1.73
N LEU A 342 -1.17 14.69 1.68
CA LEU A 342 -0.23 13.60 1.86
C LEU A 342 0.05 13.36 3.32
N THR A 343 -0.79 12.53 3.87
CA THR A 343 -0.72 12.14 5.25
C THR A 343 0.62 11.56 5.66
N GLY A 344 1.11 12.11 6.78
CA GLY A 344 2.39 11.62 7.31
C GLY A 344 3.59 12.32 6.72
N LYS A 345 3.34 13.23 5.79
CA LYS A 345 4.44 13.95 5.15
C LYS A 345 4.45 15.45 5.40
N GLY A 346 5.59 16.07 5.12
CA GLY A 346 5.73 17.52 5.13
C GLY A 346 5.93 18.20 6.45
N GLU A 347 5.84 17.45 7.55
CA GLU A 347 6.05 18.08 8.85
C GLU A 347 6.53 17.05 9.80
N ILE A 348 7.35 17.55 10.69
CA ILE A 348 7.93 16.75 11.72
C ILE A 348 7.11 16.74 13.00
N LEU A 349 6.35 15.67 13.17
CA LEU A 349 5.48 15.44 14.29
C LEU A 349 5.44 13.98 14.58
N PRO A 350 5.20 13.66 15.84
CA PRO A 350 5.12 12.27 16.23
C PRO A 350 4.01 11.63 15.41
N GLY A 351 4.27 10.42 14.94
CA GLY A 351 3.29 9.76 14.12
C GLY A 351 3.56 10.00 12.64
N ASN A 352 4.31 11.07 12.28
CA ASN A 352 4.60 11.29 10.86
C ASN A 352 5.72 10.40 10.39
N ASP A 353 5.88 10.29 9.08
CA ASP A 353 6.95 9.51 8.53
C ASP A 353 8.30 10.14 8.79
N ALA A 354 9.32 9.33 8.96
CA ALA A 354 10.68 9.84 9.21
C ALA A 354 11.50 10.12 7.94
N ASP A 355 11.00 11.17 7.24
CA ASP A 355 11.54 11.76 6.04
C ASP A 355 12.18 13.07 6.48
N LEU A 356 13.50 13.03 6.61
CA LEU A 356 14.25 14.16 7.13
C LEU A 356 15.51 14.56 6.41
N LEU A 357 15.75 15.86 6.48
CA LEU A 357 16.94 16.43 5.93
C LEU A 357 17.81 16.97 7.05
N VAL A 358 19.12 16.71 6.97
CA VAL A 358 20.05 17.26 7.94
C VAL A 358 20.95 18.17 7.13
N MET A 359 20.92 19.44 7.46
CA MET A 359 21.72 20.37 6.73
C MET A 359 22.69 21.15 7.58
N THR A 360 23.65 21.74 6.88
CA THR A 360 24.59 22.64 7.51
C THR A 360 23.85 23.96 7.63
N PRO A 361 24.30 24.74 8.57
CA PRO A 361 23.73 26.04 8.84
C PRO A 361 23.65 26.93 7.61
N GLU A 362 24.46 26.59 6.61
CA GLU A 362 24.46 27.27 5.34
C GLU A 362 23.56 26.59 4.32
N LEU A 363 22.69 25.71 4.81
CA LEU A 363 21.70 25.02 3.99
C LEU A 363 22.26 24.14 2.90
N ARG A 364 23.26 23.40 3.28
CA ARG A 364 23.85 22.44 2.42
C ARG A 364 23.45 21.10 3.05
N ILE A 365 22.96 20.20 2.21
CA ILE A 365 22.46 18.90 2.67
C ILE A 365 23.59 17.95 3.02
N GLU A 366 23.53 17.35 4.22
CA GLU A 366 24.56 16.39 4.62
C GLU A 366 24.04 14.96 4.61
N GLN A 367 22.88 14.78 5.28
CA GLN A 367 22.21 13.48 5.36
C GLN A 367 20.75 13.61 5.00
N VAL A 368 20.20 12.48 4.60
CA VAL A 368 18.81 12.35 4.20
C VAL A 368 18.35 10.98 4.70
N TYR A 369 17.18 11.00 5.36
CA TYR A 369 16.48 9.84 5.86
C TYR A 369 15.16 9.78 5.12
N ALA A 370 14.81 8.61 4.62
CA ALA A 370 13.52 8.45 3.96
C ALA A 370 12.92 7.30 4.70
N ARG A 371 11.75 7.52 5.29
CA ARG A 371 11.12 6.49 6.06
C ARG A 371 12.07 5.87 7.07
N GLY A 372 12.82 6.76 7.71
CA GLY A 372 13.75 6.39 8.75
C GLY A 372 15.04 5.72 8.30
N LYS A 373 15.25 5.58 7.01
CA LYS A 373 16.48 4.95 6.53
C LYS A 373 17.49 5.97 6.01
N LEU A 374 18.76 5.81 6.39
CA LEU A 374 19.79 6.72 5.92
C LEU A 374 20.02 6.51 4.42
N MET A 375 19.70 7.50 3.59
CA MET A 375 19.85 7.40 2.16
C MET A 375 21.06 8.14 1.59
N VAL A 376 21.41 9.22 2.29
CA VAL A 376 22.50 10.13 1.90
C VAL A 376 23.32 10.47 3.09
N LYS A 377 24.61 10.39 2.89
CA LYS A 377 25.51 10.66 3.95
C LYS A 377 26.63 11.51 3.44
N ASP A 378 26.94 12.55 4.18
CA ASP A 378 27.96 13.46 3.74
C ASP A 378 27.62 13.97 2.36
N GLY A 379 26.34 14.24 2.07
CA GLY A 379 25.98 14.79 0.76
C GLY A 379 26.04 13.81 -0.40
N LYS A 380 26.30 12.54 -0.11
CA LYS A 380 26.37 11.56 -1.18
C LYS A 380 25.53 10.36 -0.83
N ALA A 381 24.81 9.91 -1.87
CA ALA A 381 23.92 8.77 -1.73
C ALA A 381 24.67 7.54 -1.27
N CYS A 382 24.11 6.88 -0.27
CA CYS A 382 24.67 5.64 0.27
C CYS A 382 23.70 4.49 -0.05
N VAL A 383 22.54 4.85 -0.61
CA VAL A 383 21.51 3.93 -1.07
C VAL A 383 21.24 4.30 -2.53
N LYS A 384 21.40 3.37 -3.48
CA LYS A 384 21.16 3.73 -4.88
C LYS A 384 20.10 2.88 -5.57
N GLY A 385 19.64 3.38 -6.71
CA GLY A 385 18.67 2.62 -7.46
C GLY A 385 19.31 1.28 -7.84
N THR A 386 18.47 0.27 -8.01
CA THR A 386 18.90 -1.07 -8.38
C THR A 386 19.90 -1.13 -9.56
N PHE A 387 19.76 -0.25 -10.55
CA PHE A 387 20.63 -0.32 -11.69
C PHE A 387 21.60 0.81 -11.82
N GLU A 388 21.71 1.63 -10.76
CA GLU A 388 22.64 2.74 -10.74
C GLU A 388 24.08 2.22 -10.72
N THR A 389 24.94 2.84 -11.53
CA THR A 389 26.33 2.41 -11.61
C THR A 389 27.35 3.50 -11.25
N MET B 1 7.38 15.74 31.15
CA MET B 1 7.00 14.46 30.56
C MET B 1 7.02 14.48 29.05
N ILE B 2 7.87 13.61 28.46
CA ILE B 2 7.98 13.39 27.02
C ILE B 2 6.94 12.35 26.59
N ASP B 3 6.23 12.66 25.51
CA ASP B 3 5.21 11.76 25.05
C ASP B 3 5.73 10.77 24.03
N TYR B 4 5.64 9.47 24.33
CA TYR B 4 6.09 8.44 23.41
C TYR B 4 4.94 7.52 22.95
N THR B 5 3.73 8.01 23.15
CA THR B 5 2.58 7.19 22.80
C THR B 5 2.40 6.87 21.32
N ALA B 6 2.98 7.70 20.46
CA ALA B 6 2.89 7.47 19.04
C ALA B 6 3.41 6.05 18.68
N ALA B 7 4.32 5.48 19.47
CA ALA B 7 4.88 4.17 19.13
C ALA B 7 3.96 2.98 19.41
N GLY B 8 2.94 3.21 20.25
CA GLY B 8 2.05 2.14 20.66
C GLY B 8 2.84 0.95 21.29
N PHE B 9 3.70 1.24 22.26
CA PHE B 9 4.47 0.18 22.86
C PHE B 9 3.62 -0.78 23.62
N THR B 10 3.74 -2.04 23.24
CA THR B 10 2.98 -3.05 23.94
C THR B 10 3.79 -4.29 24.21
N LEU B 11 3.76 -4.71 25.48
CA LEU B 11 4.46 -5.88 25.96
C LEU B 11 3.48 -6.94 26.42
N LEU B 12 3.49 -8.05 25.67
CA LEU B 12 2.65 -9.22 25.90
C LEU B 12 3.52 -10.21 26.65
N GLN B 13 3.18 -10.35 27.93
CA GLN B 13 4.00 -11.12 28.84
C GLN B 13 3.47 -12.39 29.42
N GLY B 14 4.35 -13.34 29.49
CA GLY B 14 4.02 -14.57 30.16
C GLY B 14 3.23 -15.67 29.45
N ALA B 15 2.90 -15.56 28.17
CA ALA B 15 2.16 -16.66 27.60
C ALA B 15 3.08 -17.78 27.09
N HIS B 16 2.46 -18.91 26.84
CA HIS B 16 3.14 -20.01 26.23
C HIS B 16 3.00 -19.70 24.72
N LEU B 17 4.13 -19.41 24.10
CA LEU B 17 4.16 -19.01 22.71
C LEU B 17 4.33 -20.14 21.73
N TYR B 18 3.41 -20.13 20.75
CA TYR B 18 3.41 -21.05 19.60
C TYR B 18 3.56 -20.17 18.36
N ALA B 19 4.77 -20.11 17.86
CA ALA B 19 5.21 -19.24 16.80
C ALA B 19 4.83 -19.42 15.33
N PRO B 20 4.20 -20.48 14.81
CA PRO B 20 3.62 -21.66 15.44
C PRO B 20 4.52 -22.58 16.24
N GLU B 21 5.83 -22.60 15.99
CA GLU B 21 6.75 -23.46 16.73
C GLU B 21 6.62 -23.18 18.21
N ASP B 22 6.63 -24.23 19.01
CA ASP B 22 6.54 -24.12 20.43
C ASP B 22 7.75 -23.43 20.99
N ARG B 23 7.57 -22.29 21.62
CA ARG B 23 8.72 -21.61 22.16
C ARG B 23 8.70 -21.53 23.69
N GLY B 24 7.81 -22.27 24.33
CA GLY B 24 7.71 -22.19 25.78
C GLY B 24 7.13 -20.85 26.16
N ILE B 25 7.36 -20.47 27.40
CA ILE B 25 6.96 -19.23 27.99
C ILE B 25 7.90 -18.15 27.48
N CYS B 26 7.33 -17.22 26.75
CA CYS B 26 8.15 -16.25 26.10
C CYS B 26 7.40 -14.94 25.89
N ASP B 27 8.10 -13.81 25.99
CA ASP B 27 7.48 -12.48 25.81
C ASP B 27 7.52 -11.95 24.38
N VAL B 28 6.55 -11.08 24.07
CA VAL B 28 6.45 -10.44 22.76
C VAL B 28 6.31 -8.93 22.91
N LEU B 29 7.23 -8.20 22.29
CA LEU B 29 7.22 -6.74 22.34
C LEU B 29 6.87 -6.20 20.98
N VAL B 30 5.93 -5.27 21.00
CA VAL B 30 5.41 -4.66 19.79
C VAL B 30 5.49 -3.16 19.77
N ALA B 31 5.68 -2.65 18.56
CA ALA B 31 5.71 -1.23 18.38
C ALA B 31 5.30 -0.98 16.95
N ASN B 32 4.47 0.04 16.83
CA ASN B 32 4.02 0.41 15.53
C ASN B 32 3.41 -0.74 14.75
N GLY B 33 2.65 -1.62 15.39
CA GLY B 33 2.03 -2.70 14.65
C GLY B 33 2.95 -3.84 14.30
N LYS B 34 4.25 -3.71 14.64
CA LYS B 34 5.18 -4.76 14.33
C LYS B 34 5.76 -5.41 15.58
N ILE B 35 6.16 -6.66 15.42
CA ILE B 35 6.79 -7.43 16.47
C ILE B 35 8.24 -6.96 16.46
N ILE B 36 8.68 -6.36 17.55
CA ILE B 36 10.05 -5.87 17.58
C ILE B 36 11.03 -6.69 18.37
N ALA B 37 10.55 -7.59 19.24
CA ALA B 37 11.35 -8.48 20.06
C ALA B 37 10.53 -9.67 20.53
N VAL B 38 11.19 -10.84 20.55
CA VAL B 38 10.59 -12.10 21.01
C VAL B 38 11.65 -12.77 21.85
N ALA B 39 11.36 -12.87 23.15
CA ALA B 39 12.31 -13.41 24.12
C ALA B 39 11.66 -13.61 25.48
N SER B 40 12.26 -14.48 26.27
CA SER B 40 11.75 -14.69 27.63
C SER B 40 12.19 -13.54 28.48
N ASN B 41 11.36 -13.14 29.41
CA ASN B 41 11.69 -12.06 30.32
C ASN B 41 12.12 -10.70 29.78
N ILE B 42 11.25 -10.11 28.98
CA ILE B 42 11.59 -8.80 28.49
C ILE B 42 11.27 -7.83 29.62
N PRO B 43 12.16 -6.86 29.90
CA PRO B 43 11.93 -5.92 30.99
C PRO B 43 10.72 -5.02 30.74
N SER B 44 9.84 -4.95 31.72
CA SER B 44 8.62 -4.15 31.60
C SER B 44 8.86 -2.67 31.46
N ASP B 45 10.11 -2.27 31.55
CA ASP B 45 10.46 -0.87 31.50
C ASP B 45 11.47 -0.61 30.40
N ILE B 46 11.70 -1.63 29.58
CA ILE B 46 12.62 -1.54 28.48
C ILE B 46 12.29 -0.37 27.55
N VAL B 47 11.01 0.02 27.43
CA VAL B 47 10.61 1.13 26.59
C VAL B 47 9.57 1.94 27.35
N PRO B 48 9.60 3.25 27.15
CA PRO B 48 8.67 4.17 27.81
C PRO B 48 7.21 4.01 27.35
N ASN B 49 6.25 4.57 28.08
CA ASN B 49 4.83 4.50 27.69
C ASN B 49 4.39 3.11 27.14
N CYS B 50 4.77 2.04 27.86
CA CYS B 50 4.46 0.67 27.45
C CYS B 50 3.21 0.06 28.04
N THR B 51 2.36 -0.50 27.21
CA THR B 51 1.19 -1.16 27.76
C THR B 51 1.61 -2.59 28.07
N VAL B 52 1.53 -2.99 29.33
CA VAL B 52 1.97 -4.33 29.64
C VAL B 52 0.79 -5.25 29.78
N VAL B 53 0.80 -6.37 29.08
CA VAL B 53 -0.31 -7.31 29.18
C VAL B 53 0.16 -8.66 29.73
N ASP B 54 -0.41 -8.99 30.86
CA ASP B 54 -0.05 -10.21 31.55
C ASP B 54 -0.86 -11.32 31.02
N LEU B 55 -0.18 -12.21 30.35
CA LEU B 55 -0.85 -13.32 29.73
C LEU B 55 -0.47 -14.62 30.36
N SER B 56 0.00 -14.54 31.58
CA SER B 56 0.41 -15.81 32.16
C SER B 56 -0.74 -16.78 32.15
N GLY B 57 -0.38 -18.01 31.89
CA GLY B 57 -1.39 -19.04 31.86
C GLY B 57 -2.15 -19.10 30.54
N GLN B 58 -1.85 -18.21 29.61
CA GLN B 58 -2.56 -18.27 28.34
C GLN B 58 -1.64 -18.74 27.21
N ILE B 59 -2.22 -18.88 26.04
CA ILE B 59 -1.44 -19.27 24.86
C ILE B 59 -1.43 -18.10 23.89
N LEU B 60 -0.30 -17.88 23.20
CA LEU B 60 -0.17 -16.80 22.22
C LEU B 60 0.24 -17.43 20.90
N CYS B 61 -0.48 -17.12 19.82
CA CYS B 61 -0.14 -17.72 18.54
C CYS B 61 -0.47 -16.72 17.45
N PRO B 62 -0.07 -17.03 16.21
CA PRO B 62 -0.32 -16.13 15.08
C PRO B 62 -1.81 -16.02 14.72
N GLY B 63 -2.25 -14.90 14.16
CA GLY B 63 -3.65 -14.79 13.73
C GLY B 63 -3.88 -15.70 12.53
N PHE B 64 -5.11 -16.16 12.35
CA PHE B 64 -5.42 -17.00 11.21
C PHE B 64 -5.51 -16.21 9.91
N ILE B 65 -5.16 -16.89 8.84
CA ILE B 65 -5.23 -16.38 7.48
C ILE B 65 -6.23 -17.29 6.72
N ASP B 66 -7.36 -16.70 6.32
CA ASP B 66 -8.40 -17.43 5.59
C ASP B 66 -8.40 -17.00 4.17
N GLN B 67 -7.91 -17.87 3.33
CA GLN B 67 -7.77 -17.45 1.95
C GLN B 67 -8.97 -17.66 1.09
N HIS B 68 -10.10 -18.04 1.67
CA HIS B 68 -11.24 -18.28 0.81
C HIS B 68 -12.48 -17.68 1.44
N VAL B 69 -12.69 -16.37 1.26
CA VAL B 69 -13.89 -15.74 1.86
C VAL B 69 -14.69 -14.89 0.86
N HIS B 70 -16.04 -15.02 0.80
CA HIS B 70 -16.83 -14.19 -0.13
C HIS B 70 -17.20 -12.88 0.55
N LEU B 71 -16.20 -12.05 0.64
CA LEU B 71 -16.25 -10.79 1.35
C LEU B 71 -17.46 -9.94 1.03
N ILE B 72 -17.79 -9.83 -0.27
CA ILE B 72 -18.91 -8.98 -0.63
C ILE B 72 -20.26 -9.72 -0.58
N GLY B 73 -20.22 -11.00 -0.24
CA GLY B 73 -21.43 -11.81 -0.26
C GLY B 73 -21.26 -12.73 -1.48
N GLY B 74 -22.05 -13.78 -1.55
CA GLY B 74 -22.01 -14.79 -2.61
C GLY B 74 -23.43 -15.29 -2.86
N GLY B 75 -23.56 -16.62 -3.05
CA GLY B 75 -24.85 -17.24 -3.28
C GLY B 75 -25.47 -16.78 -4.61
N GLY B 76 -26.80 -16.77 -4.66
CA GLY B 76 -27.54 -16.39 -5.86
C GLY B 76 -27.91 -17.58 -6.77
N GLU B 77 -27.50 -18.84 -6.38
CA GLU B 77 -27.77 -20.03 -7.20
C GLU B 77 -29.23 -20.49 -7.26
N ALA B 78 -30.03 -19.95 -6.37
CA ALA B 78 -31.45 -20.28 -6.38
C ALA B 78 -32.20 -18.97 -6.56
N GLY B 79 -31.64 -18.10 -7.38
CA GLY B 79 -32.28 -16.83 -7.60
C GLY B 79 -31.76 -15.79 -6.61
N PRO B 80 -32.19 -14.55 -6.90
CA PRO B 80 -31.83 -13.33 -6.23
C PRO B 80 -31.99 -13.22 -4.77
N THR B 81 -32.99 -13.92 -4.25
CA THR B 81 -33.15 -13.87 -2.81
C THR B 81 -32.01 -14.65 -2.12
N THR B 82 -31.27 -15.48 -2.88
CA THR B 82 -30.17 -16.25 -2.26
C THR B 82 -28.83 -15.58 -2.28
N ARG B 83 -28.83 -14.30 -2.63
CA ARG B 83 -27.55 -13.57 -2.61
C ARG B 83 -27.19 -13.23 -1.17
N THR B 84 -26.06 -13.72 -0.68
CA THR B 84 -25.73 -13.44 0.72
C THR B 84 -25.20 -12.02 0.97
N PRO B 85 -25.28 -11.53 2.21
CA PRO B 85 -24.82 -10.19 2.54
C PRO B 85 -23.27 -10.12 2.67
N GLU B 86 -22.72 -8.92 2.62
CA GLU B 86 -21.28 -8.79 2.75
C GLU B 86 -20.86 -9.23 4.14
N VAL B 87 -19.62 -9.54 4.31
CA VAL B 87 -19.09 -9.99 5.59
C VAL B 87 -18.80 -8.81 6.52
N ALA B 88 -19.11 -8.95 7.82
CA ALA B 88 -18.79 -7.90 8.79
C ALA B 88 -17.43 -8.17 9.47
N LEU B 89 -16.69 -7.10 9.73
CA LEU B 89 -15.41 -7.12 10.38
C LEU B 89 -15.38 -8.01 11.60
N SER B 90 -16.34 -7.75 12.51
CA SER B 90 -16.37 -8.49 13.77
C SER B 90 -16.53 -10.01 13.61
N ARG B 91 -17.19 -10.42 12.52
CA ARG B 91 -17.34 -11.85 12.34
C ARG B 91 -15.99 -12.50 12.06
N LEU B 92 -15.10 -11.78 11.37
CA LEU B 92 -13.80 -12.33 11.09
C LEU B 92 -12.97 -12.34 12.34
N THR B 93 -12.87 -11.18 12.96
CA THR B 93 -12.01 -11.13 14.10
C THR B 93 -12.39 -12.03 15.25
N GLU B 94 -13.70 -12.18 15.49
CA GLU B 94 -14.09 -13.07 16.56
C GLU B 94 -13.75 -14.53 16.30
N ALA B 95 -13.54 -14.87 15.06
CA ALA B 95 -13.20 -16.23 14.68
C ALA B 95 -11.68 -16.43 14.63
N GLY B 96 -10.93 -15.40 14.97
CA GLY B 96 -9.46 -15.43 15.00
C GLY B 96 -8.77 -15.07 13.67
N VAL B 97 -9.56 -14.59 12.69
CA VAL B 97 -9.04 -14.23 11.34
C VAL B 97 -8.48 -12.83 11.29
N THR B 98 -7.18 -12.70 10.97
CA THR B 98 -6.62 -11.37 10.88
C THR B 98 -6.19 -11.01 9.47
N SER B 99 -6.13 -12.03 8.60
CA SER B 99 -5.73 -11.77 7.20
C SER B 99 -6.70 -12.52 6.34
N VAL B 100 -7.17 -11.92 5.24
CA VAL B 100 -8.16 -12.66 4.43
C VAL B 100 -7.90 -12.42 2.94
N VAL B 101 -8.37 -13.39 2.14
CA VAL B 101 -8.32 -13.32 0.69
C VAL B 101 -9.77 -13.45 0.20
N GLY B 102 -10.26 -12.39 -0.45
CA GLY B 102 -11.61 -12.37 -0.96
C GLY B 102 -11.67 -12.87 -2.42
N LEU B 103 -12.84 -13.43 -2.77
CA LEU B 103 -13.05 -13.98 -4.11
C LEU B 103 -14.56 -14.05 -4.43
N LEU B 104 -14.86 -14.34 -5.71
CA LEU B 104 -16.23 -14.48 -6.25
C LEU B 104 -16.46 -15.97 -6.55
N GLY B 105 -17.74 -16.35 -6.69
CA GLY B 105 -18.15 -17.69 -6.97
C GLY B 105 -18.85 -17.77 -8.31
N THR B 106 -19.98 -18.44 -8.20
CA THR B 106 -20.83 -18.68 -9.37
C THR B 106 -21.28 -17.42 -10.05
N ASP B 107 -21.77 -16.50 -9.25
CA ASP B 107 -22.31 -15.25 -9.75
C ASP B 107 -21.25 -14.16 -9.98
N SER B 108 -21.06 -13.82 -11.26
CA SER B 108 -20.17 -12.71 -11.59
C SER B 108 -20.93 -11.81 -12.58
N ILE B 109 -22.28 -11.81 -12.43
CA ILE B 109 -23.24 -10.97 -13.18
C ILE B 109 -23.68 -9.85 -12.22
N SER B 110 -24.10 -10.27 -11.00
CA SER B 110 -24.52 -9.24 -10.04
C SER B 110 -23.39 -8.90 -9.08
N ARG B 111 -22.27 -9.64 -9.21
CA ARG B 111 -21.08 -9.47 -8.39
C ARG B 111 -19.94 -9.07 -9.31
N HIS B 112 -19.15 -8.07 -8.88
CA HIS B 112 -18.07 -7.48 -9.67
C HIS B 112 -16.71 -7.31 -8.92
N PRO B 113 -15.58 -7.55 -9.62
CA PRO B 113 -14.26 -7.44 -9.00
C PRO B 113 -14.07 -6.05 -8.42
N GLU B 114 -14.66 -5.03 -9.07
CA GLU B 114 -14.53 -3.67 -8.57
C GLU B 114 -15.14 -3.52 -7.22
N SER B 115 -16.27 -4.20 -6.99
CA SER B 115 -16.89 -4.12 -5.67
C SER B 115 -16.03 -4.86 -4.64
N LEU B 116 -15.51 -6.01 -5.06
CA LEU B 116 -14.70 -6.84 -4.24
C LEU B 116 -13.43 -6.08 -3.83
N LEU B 117 -12.91 -5.35 -4.78
CA LEU B 117 -11.73 -4.56 -4.52
C LEU B 117 -11.99 -3.47 -3.47
N ALA B 118 -13.15 -2.82 -3.56
CA ALA B 118 -13.49 -1.75 -2.61
C ALA B 118 -13.63 -2.29 -1.17
N LYS B 119 -14.28 -3.44 -1.05
CA LYS B 119 -14.48 -4.08 0.23
C LYS B 119 -13.18 -4.53 0.86
N THR B 120 -12.31 -5.02 0.01
CA THR B 120 -10.97 -5.45 0.38
C THR B 120 -10.27 -4.24 0.99
N ARG B 121 -10.36 -3.10 0.28
CA ARG B 121 -9.71 -1.92 0.83
C ARG B 121 -10.33 -1.42 2.11
N ALA B 122 -11.67 -1.52 2.20
CA ALA B 122 -12.35 -1.09 3.40
C ALA B 122 -11.83 -1.88 4.61
N LEU B 123 -11.68 -3.20 4.48
CA LEU B 123 -11.24 -4.01 5.60
C LEU B 123 -9.83 -3.70 6.07
N ASN B 124 -8.99 -3.38 5.10
CA ASN B 124 -7.64 -2.99 5.42
C ASN B 124 -7.69 -1.75 6.28
N GLU B 125 -8.54 -0.82 5.91
CA GLU B 125 -8.66 0.41 6.65
C GLU B 125 -9.27 0.21 8.02
N GLU B 126 -10.18 -0.73 8.06
CA GLU B 126 -10.81 -1.00 9.31
C GLU B 126 -9.86 -1.72 10.24
N GLY B 127 -8.69 -2.18 9.78
CA GLY B 127 -7.81 -2.81 10.76
C GLY B 127 -7.26 -4.19 10.53
N ILE B 128 -7.76 -4.93 9.54
CA ILE B 128 -7.13 -6.23 9.29
C ILE B 128 -6.39 -6.14 7.96
N SER B 129 -5.94 -7.28 7.45
CA SER B 129 -5.23 -7.30 6.18
C SER B 129 -6.04 -8.14 5.21
N ALA B 130 -6.18 -7.61 4.00
CA ALA B 130 -6.97 -8.27 2.97
C ALA B 130 -6.46 -8.10 1.55
N TRP B 131 -6.65 -9.18 0.80
CA TRP B 131 -6.29 -9.26 -0.60
C TRP B 131 -7.46 -9.93 -1.31
N MET B 132 -7.35 -10.02 -2.63
CA MET B 132 -8.38 -10.68 -3.44
C MET B 132 -7.83 -11.39 -4.69
N LEU B 133 -8.72 -12.24 -5.26
CA LEU B 133 -8.40 -12.91 -6.50
C LEU B 133 -9.34 -12.30 -7.51
N THR B 134 -8.86 -12.14 -8.75
CA THR B 134 -9.67 -11.57 -9.83
C THR B 134 -10.44 -12.75 -10.43
N GLY B 135 -11.33 -12.55 -11.39
CA GLY B 135 -12.05 -13.68 -11.93
C GLY B 135 -13.20 -14.14 -11.00
N ALA B 136 -13.72 -15.32 -11.27
CA ALA B 136 -14.84 -15.95 -10.59
C ALA B 136 -15.02 -17.32 -11.18
N PHE B 137 -16.17 -17.97 -11.02
CA PHE B 137 -16.29 -19.27 -11.69
C PHE B 137 -16.05 -19.16 -13.19
N HIS B 138 -16.62 -18.13 -13.81
CA HIS B 138 -16.55 -17.94 -15.24
C HIS B 138 -15.19 -17.88 -15.86
N VAL B 139 -15.06 -18.65 -16.91
CA VAL B 139 -13.84 -18.62 -17.72
C VAL B 139 -14.31 -18.50 -19.17
N PRO B 140 -13.75 -17.58 -19.98
CA PRO B 140 -12.74 -16.60 -19.62
C PRO B 140 -13.17 -15.72 -18.47
N SER B 141 -12.15 -15.26 -17.75
CA SER B 141 -12.35 -14.44 -16.56
C SER B 141 -12.89 -13.05 -16.86
N ARG B 142 -13.72 -12.57 -15.93
CA ARG B 142 -14.23 -11.22 -15.96
C ARG B 142 -13.28 -10.46 -15.02
N THR B 143 -12.58 -9.48 -15.58
CA THR B 143 -11.56 -8.79 -14.83
C THR B 143 -11.84 -7.33 -14.65
N ILE B 144 -10.92 -6.69 -13.96
CA ILE B 144 -11.09 -5.26 -13.78
C ILE B 144 -10.57 -4.47 -14.98
N THR B 145 -9.34 -4.81 -15.43
CA THR B 145 -8.68 -4.10 -16.49
C THR B 145 -8.87 -4.79 -17.81
N GLY B 146 -9.55 -5.93 -17.85
CA GLY B 146 -9.71 -6.59 -19.14
C GLY B 146 -8.67 -7.69 -19.41
N SER B 147 -7.73 -7.87 -18.52
CA SER B 147 -6.77 -8.93 -18.75
C SER B 147 -6.37 -9.47 -17.40
N VAL B 148 -6.37 -10.80 -17.31
CA VAL B 148 -5.97 -11.44 -16.10
C VAL B 148 -4.54 -11.01 -15.80
N GLU B 149 -3.65 -11.09 -16.83
CA GLU B 149 -2.26 -10.74 -16.62
C GLU B 149 -2.14 -9.30 -16.07
N LYS B 150 -2.94 -8.40 -16.63
CA LYS B 150 -2.87 -7.00 -16.20
C LYS B 150 -3.46 -6.77 -14.79
N ASP B 151 -4.59 -7.44 -14.49
CA ASP B 151 -5.14 -7.27 -13.16
C ASP B 151 -4.11 -7.67 -12.12
N VAL B 152 -3.49 -8.84 -12.32
CA VAL B 152 -2.50 -9.30 -11.33
C VAL B 152 -1.25 -8.39 -11.22
N ALA B 153 -0.76 -7.93 -12.35
CA ALA B 153 0.39 -7.06 -12.35
C ALA B 153 0.07 -5.67 -11.82
N ILE B 154 -1.09 -5.09 -12.14
CA ILE B 154 -1.33 -3.70 -11.77
C ILE B 154 -2.18 -3.34 -10.61
N ILE B 155 -3.12 -4.17 -10.26
CA ILE B 155 -3.97 -3.86 -9.13
C ILE B 155 -3.30 -4.35 -7.86
N ASP B 156 -2.92 -3.40 -7.02
CA ASP B 156 -2.22 -3.78 -5.82
C ASP B 156 -2.76 -4.93 -5.00
N ARG B 157 -4.04 -4.96 -4.69
CA ARG B 157 -4.55 -6.01 -3.85
C ARG B 157 -4.78 -7.36 -4.56
N VAL B 158 -4.70 -7.40 -5.87
CA VAL B 158 -5.01 -8.68 -6.53
C VAL B 158 -3.79 -9.56 -6.52
N ILE B 159 -3.94 -10.82 -6.09
CA ILE B 159 -2.80 -11.73 -6.04
C ILE B 159 -2.87 -12.94 -6.95
N GLY B 160 -3.98 -13.15 -7.64
CA GLY B 160 -4.11 -14.33 -8.49
C GLY B 160 -5.50 -14.33 -9.06
N VAL B 161 -5.87 -15.49 -9.58
CA VAL B 161 -7.16 -15.62 -10.25
C VAL B 161 -7.91 -16.84 -9.74
N KCX B 162 -9.24 -16.73 -9.78
CA KCX B 162 -10.14 -17.78 -9.40
CB KCX B 162 -11.23 -17.15 -8.53
CG KCX B 162 -12.42 -18.05 -8.21
CD KCX B 162 -12.04 -19.15 -7.22
CE KCX B 162 -13.21 -20.06 -6.96
NZ KCX B 162 -14.22 -19.35 -6.13
C KCX B 162 -10.81 -18.40 -10.62
O KCX B 162 -11.06 -17.73 -11.65
CX KCX B 162 -14.86 -20.27 -5.18
OQ1 KCX B 162 -14.49 -21.42 -5.02
OQ2 KCX B 162 -15.86 -19.69 -4.56
N CYS B 163 -11.19 -19.69 -10.52
CA CYS B 163 -11.92 -20.34 -11.57
C CYS B 163 -12.66 -21.56 -11.00
N ALA B 164 -13.54 -22.15 -11.81
CA ALA B 164 -14.29 -23.34 -11.40
C ALA B 164 -14.07 -24.42 -12.45
N ILE B 165 -13.85 -25.65 -12.01
CA ILE B 165 -13.69 -26.79 -12.92
C ILE B 165 -14.43 -27.97 -12.32
N SER B 166 -14.70 -28.95 -13.14
CA SER B 166 -15.36 -30.14 -12.63
C SER B 166 -16.57 -29.86 -11.76
N ASP B 167 -17.41 -28.97 -12.25
CA ASP B 167 -18.58 -28.55 -11.51
C ASP B 167 -19.70 -28.19 -12.49
N HIS B 168 -20.95 -28.50 -12.11
CA HIS B 168 -22.09 -28.26 -12.98
C HIS B 168 -22.35 -26.76 -13.16
N ARG B 169 -21.67 -25.96 -12.37
CA ARG B 169 -21.80 -24.52 -12.51
C ARG B 169 -20.60 -23.91 -13.23
N SER B 170 -19.74 -24.71 -13.85
CA SER B 170 -18.59 -24.07 -14.49
C SER B 170 -19.02 -23.53 -15.85
N ALA B 171 -18.08 -22.88 -16.54
CA ALA B 171 -18.29 -22.29 -17.87
C ALA B 171 -17.82 -23.24 -18.96
N ALA B 172 -17.63 -24.53 -18.62
CA ALA B 172 -17.16 -25.53 -19.62
C ALA B 172 -15.84 -25.12 -20.30
N PRO B 173 -14.91 -24.66 -19.52
CA PRO B 173 -13.65 -24.22 -20.10
C PRO B 173 -12.87 -25.36 -20.74
N ASP B 174 -12.17 -25.07 -21.84
CA ASP B 174 -11.28 -26.04 -22.48
C ASP B 174 -9.86 -25.83 -21.93
N VAL B 175 -9.00 -26.78 -22.23
CA VAL B 175 -7.64 -26.74 -21.75
C VAL B 175 -6.92 -25.45 -22.09
N TYR B 176 -7.05 -24.99 -23.32
CA TYR B 176 -6.37 -23.77 -23.75
C TYR B 176 -6.76 -22.55 -22.92
N HIS B 177 -8.06 -22.42 -22.66
CA HIS B 177 -8.52 -21.28 -21.88
C HIS B 177 -8.01 -21.31 -20.45
N LEU B 178 -8.03 -22.52 -19.88
CA LEU B 178 -7.50 -22.71 -18.56
C LEU B 178 -5.99 -22.40 -18.53
N ALA B 179 -5.22 -22.96 -19.49
CA ALA B 179 -3.78 -22.74 -19.52
C ALA B 179 -3.41 -21.29 -19.68
N ASN B 180 -4.04 -20.65 -20.65
CA ASN B 180 -3.72 -19.27 -20.87
C ASN B 180 -4.02 -18.41 -19.60
N MET B 181 -5.11 -18.71 -18.93
CA MET B 181 -5.49 -17.95 -17.77
C MET B 181 -4.45 -18.14 -16.66
N ALA B 182 -4.09 -19.40 -16.44
CA ALA B 182 -3.13 -19.73 -15.44
C ALA B 182 -1.80 -19.05 -15.71
N ALA B 183 -1.40 -19.06 -16.98
CA ALA B 183 -0.13 -18.46 -17.39
C ALA B 183 -0.13 -16.94 -17.23
N GLU B 184 -1.29 -16.31 -17.47
CA GLU B 184 -1.41 -14.87 -17.32
C GLU B 184 -1.26 -14.47 -15.87
N SER B 185 -1.90 -15.26 -15.01
CA SER B 185 -1.78 -15.00 -13.57
C SER B 185 -0.33 -15.19 -13.10
N ARG B 186 0.31 -16.28 -13.58
CA ARG B 186 1.70 -16.54 -13.25
C ARG B 186 2.59 -15.33 -13.64
N VAL B 187 2.52 -14.91 -14.92
CA VAL B 187 3.30 -13.76 -15.41
C VAL B 187 3.01 -12.43 -14.68
N GLY B 188 1.70 -12.12 -14.48
CA GLY B 188 1.26 -10.94 -13.77
C GLY B 188 1.84 -10.91 -12.35
N GLY B 189 1.89 -12.07 -11.66
CA GLY B 189 2.47 -12.21 -10.32
C GLY B 189 3.94 -11.84 -10.30
N LEU B 190 4.66 -12.29 -11.32
CA LEU B 190 6.07 -11.95 -11.42
C LEU B 190 6.29 -10.44 -11.57
N LEU B 191 5.52 -9.82 -12.45
CA LEU B 191 5.68 -8.40 -12.67
C LEU B 191 5.20 -7.56 -11.49
N GLY B 192 4.13 -8.03 -10.82
CA GLY B 192 3.59 -7.26 -9.71
C GLY B 192 4.16 -7.68 -8.35
N GLY B 193 4.98 -8.72 -8.32
CA GLY B 193 5.46 -9.15 -7.03
C GLY B 193 4.32 -9.86 -6.31
N LYS B 194 3.49 -10.66 -7.00
CA LYS B 194 2.38 -11.36 -6.33
C LYS B 194 2.65 -12.87 -6.47
N PRO B 195 2.07 -13.71 -5.65
CA PRO B 195 2.27 -15.14 -5.82
C PRO B 195 1.78 -15.55 -7.22
N GLY B 196 0.73 -14.91 -7.78
CA GLY B 196 0.28 -15.24 -9.17
C GLY B 196 -0.32 -16.63 -9.30
N VAL B 197 -1.10 -16.98 -8.29
CA VAL B 197 -1.70 -18.29 -8.22
C VAL B 197 -3.01 -18.41 -8.98
N THR B 198 -3.43 -19.67 -9.27
CA THR B 198 -4.72 -19.96 -9.87
C THR B 198 -5.44 -20.88 -8.92
N VAL B 199 -6.63 -20.48 -8.52
CA VAL B 199 -7.36 -21.21 -7.54
C VAL B 199 -8.53 -21.84 -8.22
N PHE B 200 -8.61 -23.13 -8.02
CA PHE B 200 -9.64 -23.92 -8.64
C PHE B 200 -10.73 -24.40 -7.71
N HIS B 201 -11.93 -23.83 -7.84
CA HIS B 201 -13.07 -24.33 -7.09
C HIS B 201 -13.32 -25.73 -7.70
N MET B 202 -13.35 -26.79 -6.88
CA MET B 202 -13.59 -28.12 -7.43
C MET B 202 -15.03 -28.49 -7.16
N GLY B 203 -15.70 -29.11 -8.14
CA GLY B 203 -17.09 -29.56 -7.96
C GLY B 203 -17.12 -31.09 -7.83
N ASP B 204 -18.29 -31.73 -7.98
CA ASP B 204 -18.37 -33.17 -7.84
C ASP B 204 -18.24 -34.02 -9.12
N SER B 205 -17.85 -33.41 -10.23
CA SER B 205 -17.69 -34.16 -11.46
C SER B 205 -16.66 -35.29 -11.34
N LYS B 206 -16.97 -36.41 -11.95
CA LYS B 206 -16.06 -37.56 -11.95
C LYS B 206 -14.73 -37.26 -12.61
N LYS B 207 -14.68 -36.21 -13.42
CA LYS B 207 -13.43 -35.86 -14.05
C LYS B 207 -12.43 -35.43 -12.97
N ALA B 208 -12.94 -35.02 -11.79
CA ALA B 208 -12.09 -34.61 -10.70
C ALA B 208 -10.86 -33.72 -11.07
N LEU B 209 -9.64 -34.10 -10.74
CA LEU B 209 -8.45 -33.26 -11.07
C LEU B 209 -7.92 -33.31 -12.50
N GLN B 210 -8.56 -34.14 -13.33
CA GLN B 210 -8.10 -34.34 -14.69
C GLN B 210 -7.71 -33.03 -15.40
N PRO B 211 -8.59 -32.04 -15.36
CA PRO B 211 -8.32 -30.78 -16.04
C PRO B 211 -6.99 -30.14 -15.65
N ILE B 212 -6.58 -30.34 -14.39
CA ILE B 212 -5.36 -29.75 -13.92
C ILE B 212 -4.15 -30.45 -14.52
N TYR B 213 -4.25 -31.76 -14.59
CA TYR B 213 -3.21 -32.57 -15.14
C TYR B 213 -3.11 -32.22 -16.59
N ASP B 214 -4.24 -32.05 -17.21
CA ASP B 214 -4.23 -31.70 -18.62
C ASP B 214 -3.55 -30.37 -18.85
N LEU B 215 -3.81 -29.47 -17.93
CA LEU B 215 -3.27 -28.16 -18.02
C LEU B 215 -1.75 -28.22 -17.88
N LEU B 216 -1.32 -29.05 -16.97
CA LEU B 216 0.09 -29.11 -16.80
C LEU B 216 0.78 -29.65 -18.01
N GLU B 217 0.09 -30.41 -18.78
CA GLU B 217 0.78 -30.89 -19.97
C GLU B 217 0.72 -29.86 -21.08
N ASN B 218 -0.09 -28.86 -20.88
CA ASN B 218 -0.24 -27.93 -21.96
C ASN B 218 0.35 -26.59 -21.69
N CYS B 219 1.10 -26.51 -20.61
CA CYS B 219 1.74 -25.25 -20.30
C CYS B 219 2.92 -25.45 -19.37
N ASP B 220 3.60 -24.39 -19.02
CA ASP B 220 4.77 -24.46 -18.17
C ASP B 220 4.58 -23.74 -16.84
N VAL B 221 3.31 -23.59 -16.42
CA VAL B 221 3.12 -22.94 -15.13
C VAL B 221 3.56 -23.99 -14.07
N PRO B 222 4.34 -23.56 -13.07
CA PRO B 222 4.76 -24.49 -12.02
C PRO B 222 3.58 -24.98 -11.20
N ILE B 223 3.69 -26.26 -10.81
CA ILE B 223 2.67 -26.92 -10.04
C ILE B 223 2.31 -26.18 -8.75
N SER B 224 3.32 -25.51 -8.21
CA SER B 224 3.20 -24.78 -7.00
C SER B 224 2.34 -23.51 -7.14
N LYS B 225 1.76 -23.24 -8.29
CA LYS B 225 0.91 -22.05 -8.41
C LYS B 225 -0.58 -22.40 -8.57
N LEU B 226 -0.83 -23.70 -8.62
CA LEU B 226 -2.16 -24.21 -8.87
C LEU B 226 -2.77 -24.78 -7.63
N LEU B 227 -3.86 -24.17 -7.20
CA LEU B 227 -4.48 -24.61 -5.98
C LEU B 227 -5.93 -25.09 -6.13
N PRO B 228 -6.08 -26.41 -5.98
CA PRO B 228 -7.40 -27.02 -5.99
C PRO B 228 -7.96 -26.81 -4.58
N THR B 229 -9.19 -26.31 -4.50
CA THR B 229 -9.81 -26.13 -3.19
C THR B 229 -11.08 -27.01 -3.08
N HIS B 230 -11.64 -27.17 -1.86
CA HIS B 230 -12.81 -28.05 -1.64
C HIS B 230 -12.41 -29.51 -1.86
N VAL B 231 -11.12 -29.86 -1.78
CA VAL B 231 -10.73 -31.22 -2.06
C VAL B 231 -11.36 -32.31 -1.20
N ASN B 232 -11.89 -31.96 -0.05
CA ASN B 232 -12.51 -32.97 0.80
C ASN B 232 -13.98 -33.23 0.50
N ARG B 233 -14.48 -32.65 -0.60
CA ARG B 233 -15.90 -32.73 -0.95
C ARG B 233 -16.40 -34.10 -1.37
N ASN B 234 -15.52 -34.93 -1.85
CA ASN B 234 -15.89 -36.27 -2.22
C ASN B 234 -14.61 -37.09 -2.15
N VAL B 235 -14.79 -38.38 -1.93
CA VAL B 235 -13.68 -39.28 -1.74
C VAL B 235 -12.62 -39.44 -2.83
N PRO B 236 -13.07 -39.72 -4.03
CA PRO B 236 -12.17 -39.94 -5.15
C PRO B 236 -11.38 -38.71 -5.42
N LEU B 237 -12.05 -37.58 -5.22
CA LEU B 237 -11.39 -36.30 -5.38
C LEU B 237 -10.30 -36.14 -4.30
N PHE B 238 -10.69 -36.43 -3.07
CA PHE B 238 -9.74 -36.29 -2.01
C PHE B 238 -8.52 -37.15 -2.25
N GLU B 239 -8.80 -38.35 -2.71
CA GLU B 239 -7.70 -39.24 -2.94
C GLU B 239 -6.80 -38.75 -4.04
N GLN B 240 -7.43 -38.19 -5.04
CA GLN B 240 -6.67 -37.70 -6.16
C GLN B 240 -5.84 -36.52 -5.66
N ALA B 241 -6.49 -35.78 -4.75
CA ALA B 241 -5.84 -34.62 -4.19
C ALA B 241 -4.53 -35.02 -3.52
N LEU B 242 -4.57 -36.13 -2.79
CA LEU B 242 -3.38 -36.62 -2.12
C LEU B 242 -2.26 -36.91 -3.09
N GLU B 243 -2.61 -37.49 -4.22
CA GLU B 243 -1.55 -37.71 -5.18
C GLU B 243 -0.98 -36.42 -5.74
N PHE B 244 -1.86 -35.47 -6.05
CA PHE B 244 -1.44 -34.20 -6.56
C PHE B 244 -0.44 -33.52 -5.58
N ALA B 245 -0.71 -33.61 -4.26
CA ALA B 245 0.16 -33.00 -3.26
C ALA B 245 1.48 -33.76 -3.26
N ARG B 246 1.40 -35.07 -3.35
CA ARG B 246 2.62 -35.82 -3.40
C ARG B 246 3.48 -35.41 -4.57
N LYS B 247 2.87 -34.98 -5.68
CA LYS B 247 3.69 -34.54 -6.85
C LYS B 247 4.28 -33.15 -6.65
N GLY B 248 4.02 -32.52 -5.51
CA GLY B 248 4.60 -31.19 -5.31
C GLY B 248 3.53 -30.12 -5.20
N GLY B 249 2.29 -30.53 -5.35
CA GLY B 249 1.25 -29.49 -5.25
C GLY B 249 0.84 -29.19 -3.83
N THR B 250 0.15 -28.06 -3.68
CA THR B 250 -0.42 -27.70 -2.40
C THR B 250 -1.94 -27.90 -2.57
N ILE B 251 -2.60 -28.32 -1.50
CA ILE B 251 -4.06 -28.55 -1.50
C ILE B 251 -4.75 -27.79 -0.35
N ASP B 252 -5.92 -27.27 -0.68
CA ASP B 252 -6.72 -26.49 0.25
C ASP B 252 -7.97 -27.25 0.64
N ILE B 253 -8.04 -27.54 1.93
CA ILE B 253 -9.14 -28.24 2.56
C ILE B 253 -10.17 -27.24 3.04
N THR B 254 -11.48 -27.52 2.87
CA THR B 254 -12.52 -26.56 3.26
C THR B 254 -13.15 -26.94 4.58
N SER B 255 -12.97 -26.01 5.51
CA SER B 255 -13.45 -26.21 6.87
C SER B 255 -14.94 -26.37 7.03
N SER B 256 -15.69 -25.80 6.11
CA SER B 256 -17.13 -25.79 6.13
C SER B 256 -17.73 -27.04 5.53
N ILE B 257 -16.91 -27.91 4.96
CA ILE B 257 -17.40 -29.14 4.39
C ILE B 257 -17.13 -30.20 5.43
N ASP B 258 -18.16 -30.76 6.01
CA ASP B 258 -17.92 -31.75 7.06
C ASP B 258 -18.01 -33.20 6.59
N GLU B 259 -18.53 -33.43 5.38
CA GLU B 259 -18.70 -34.80 4.88
C GLU B 259 -18.36 -34.79 3.41
N PRO B 260 -17.87 -35.90 2.81
CA PRO B 260 -17.62 -37.16 3.48
C PRO B 260 -16.26 -37.19 4.17
N VAL B 261 -15.41 -36.21 3.90
CA VAL B 261 -14.10 -36.15 4.54
C VAL B 261 -14.06 -34.91 5.40
N ALA B 262 -14.09 -35.06 6.72
CA ALA B 262 -14.05 -33.90 7.60
C ALA B 262 -12.69 -33.19 7.48
N PRO B 263 -12.67 -31.88 7.76
CA PRO B 263 -11.46 -31.09 7.69
C PRO B 263 -10.27 -31.66 8.48
N ALA B 264 -10.43 -31.96 9.78
CA ALA B 264 -9.34 -32.51 10.58
C ALA B 264 -8.90 -33.84 9.99
N GLU B 265 -9.90 -34.62 9.60
CA GLU B 265 -9.62 -35.93 9.02
C GLU B 265 -8.75 -35.81 7.76
N GLY B 266 -9.10 -34.83 6.91
CA GLY B 266 -8.37 -34.64 5.70
C GLY B 266 -6.91 -34.28 5.98
N ILE B 267 -6.73 -33.35 6.91
CA ILE B 267 -5.39 -32.91 7.28
C ILE B 267 -4.56 -34.05 7.84
N ALA B 268 -5.14 -34.83 8.71
CA ALA B 268 -4.44 -35.96 9.28
C ALA B 268 -4.03 -36.97 8.22
N ARG B 269 -4.97 -37.23 7.31
CA ARG B 269 -4.71 -38.18 6.26
C ARG B 269 -3.60 -37.76 5.37
N ALA B 270 -3.56 -36.45 5.13
CA ALA B 270 -2.54 -35.94 4.26
C ALA B 270 -1.17 -36.15 4.89
N VAL B 271 -1.10 -35.84 6.17
CA VAL B 271 0.16 -36.06 6.85
C VAL B 271 0.57 -37.55 6.83
N GLN B 272 -0.38 -38.40 7.19
CA GLN B 272 -0.16 -39.82 7.20
C GLN B 272 0.21 -40.33 5.84
N ALA B 273 -0.12 -39.56 4.81
CA ALA B 273 0.20 -39.95 3.47
C ALA B 273 1.60 -39.48 3.09
N GLY B 274 2.22 -38.73 4.01
CA GLY B 274 3.58 -38.27 3.74
C GLY B 274 3.71 -36.89 3.14
N ILE B 275 2.63 -36.14 3.17
CA ILE B 275 2.68 -34.79 2.66
C ILE B 275 3.01 -33.88 3.81
N PRO B 276 3.98 -33.02 3.63
CA PRO B 276 4.36 -32.04 4.60
C PRO B 276 3.22 -31.04 4.79
N LEU B 277 3.07 -30.57 6.00
CA LEU B 277 2.04 -29.62 6.37
C LEU B 277 2.16 -28.34 5.57
N ALA B 278 3.36 -28.04 5.09
CA ALA B 278 3.59 -26.87 4.29
C ALA B 278 2.76 -26.89 3.01
N ARG B 279 2.34 -28.08 2.57
CA ARG B 279 1.59 -28.16 1.34
C ARG B 279 0.10 -28.44 1.57
N VAL B 280 -0.37 -28.14 2.79
CA VAL B 280 -1.78 -28.33 3.19
C VAL B 280 -2.30 -27.05 3.78
N THR B 281 -3.39 -26.53 3.22
CA THR B 281 -3.93 -25.31 3.79
C THR B 281 -5.39 -25.57 4.12
N LEU B 282 -5.96 -24.71 4.94
CA LEU B 282 -7.36 -24.84 5.31
C LEU B 282 -8.02 -23.48 5.17
N SER B 283 -9.18 -23.46 4.56
CA SER B 283 -9.90 -22.23 4.40
C SER B 283 -11.39 -22.48 4.67
N SER B 284 -12.15 -21.41 4.94
CA SER B 284 -13.56 -21.53 5.32
C SER B 284 -14.61 -21.59 4.21
N ASP B 285 -14.42 -20.78 3.12
CA ASP B 285 -15.48 -20.61 2.11
C ASP B 285 -16.57 -19.81 2.86
N GLY B 286 -16.12 -18.99 3.81
CA GLY B 286 -17.02 -18.22 4.63
C GLY B 286 -17.85 -17.23 3.84
N ASN B 287 -19.10 -17.06 4.31
CA ASN B 287 -20.07 -16.09 3.77
C ASN B 287 -20.67 -16.48 2.46
N GLY B 288 -20.34 -17.70 2.05
CA GLY B 288 -20.87 -18.28 0.84
C GLY B 288 -22.24 -18.90 1.22
N SER B 289 -22.83 -19.67 0.31
CA SER B 289 -24.13 -20.31 0.58
C SER B 289 -24.05 -21.82 0.47
N VAL B 304 -25.76 -18.70 5.45
CA VAL B 304 -24.37 -18.26 5.31
C VAL B 304 -23.38 -19.12 6.10
N ALA B 305 -22.37 -19.62 5.37
CA ALA B 305 -21.33 -20.36 5.99
C ALA B 305 -20.61 -19.35 6.90
N GLY B 306 -20.29 -19.75 8.13
CA GLY B 306 -19.59 -18.89 9.06
C GLY B 306 -18.11 -19.27 9.12
N PHE B 307 -17.37 -18.77 10.12
CA PHE B 307 -15.94 -19.01 10.26
C PHE B 307 -15.56 -19.83 11.49
N GLU B 308 -16.52 -20.29 12.27
CA GLU B 308 -16.16 -21.04 13.48
C GLU B 308 -15.53 -22.38 13.20
N THR B 309 -15.82 -22.93 12.05
CA THR B 309 -15.19 -24.21 11.74
C THR B 309 -13.68 -24.09 11.61
N LEU B 310 -13.14 -22.89 11.59
CA LEU B 310 -11.69 -22.83 11.45
C LEU B 310 -11.05 -23.29 12.73
N LEU B 311 -11.39 -22.59 13.80
CA LEU B 311 -10.88 -22.89 15.12
C LEU B 311 -11.29 -24.30 15.53
N GLU B 312 -12.52 -24.66 15.20
CA GLU B 312 -12.90 -26.00 15.56
C GLU B 312 -11.98 -27.05 14.96
N THR B 313 -11.50 -26.85 13.73
CA THR B 313 -10.67 -27.87 13.13
C THR B 313 -9.38 -28.07 13.91
N VAL B 314 -8.85 -26.93 14.33
CA VAL B 314 -7.62 -26.91 15.12
C VAL B 314 -7.85 -27.72 16.40
N GLN B 315 -8.94 -27.41 17.06
CA GLN B 315 -9.29 -28.10 18.28
C GLN B 315 -9.39 -29.60 18.06
N VAL B 316 -10.02 -30.00 16.99
CA VAL B 316 -10.18 -31.41 16.73
C VAL B 316 -8.91 -32.13 16.45
N LEU B 317 -8.03 -31.45 15.74
CA LEU B 317 -6.77 -32.07 15.37
C LEU B 317 -5.93 -32.45 16.61
N VAL B 318 -5.86 -31.52 17.53
CA VAL B 318 -5.11 -31.70 18.75
C VAL B 318 -5.78 -32.76 19.64
N LYS B 319 -7.06 -32.55 19.85
CA LYS B 319 -7.93 -33.38 20.65
C LYS B 319 -8.09 -34.80 20.15
N ASP B 320 -8.56 -34.96 18.93
CA ASP B 320 -8.77 -36.30 18.49
C ASP B 320 -7.75 -36.90 17.57
N TYR B 321 -6.80 -36.12 17.06
CA TYR B 321 -5.87 -36.68 16.10
C TYR B 321 -4.40 -36.72 16.52
N ASP B 322 -4.10 -36.44 17.78
CA ASP B 322 -2.71 -36.51 18.21
C ASP B 322 -1.80 -35.46 17.61
N PHE B 323 -2.36 -34.35 17.22
CA PHE B 323 -1.46 -33.35 16.71
C PHE B 323 -1.01 -32.48 17.86
N SER B 324 0.19 -31.94 17.72
CA SER B 324 0.62 -30.97 18.68
C SER B 324 -0.05 -29.66 18.22
N ILE B 325 -0.11 -28.71 19.15
CA ILE B 325 -0.69 -27.42 18.84
C ILE B 325 0.02 -26.74 17.69
N SER B 326 1.33 -26.84 17.72
CA SER B 326 2.14 -26.25 16.66
C SER B 326 1.69 -26.70 15.28
N ASP B 327 1.60 -28.00 15.15
CA ASP B 327 1.24 -28.58 13.88
C ASP B 327 -0.14 -28.26 13.47
N ALA B 328 -1.00 -28.31 14.48
CA ALA B 328 -2.36 -28.04 14.23
C ALA B 328 -2.58 -26.63 13.65
N LEU B 329 -1.71 -25.68 14.00
CA LEU B 329 -1.84 -24.30 13.53
C LEU B 329 -1.34 -24.03 12.12
N ARG B 330 -0.38 -24.82 11.70
CA ARG B 330 0.22 -24.58 10.40
C ARG B 330 -0.71 -24.35 9.21
N PRO B 331 -1.74 -25.16 9.06
CA PRO B 331 -2.60 -24.99 7.92
C PRO B 331 -3.34 -23.68 7.80
N LEU B 332 -3.44 -22.95 8.92
CA LEU B 332 -4.12 -21.66 9.01
C LEU B 332 -3.17 -20.48 9.18
N THR B 333 -1.90 -20.81 9.29
CA THR B 333 -0.93 -19.74 9.51
C THR B 333 0.26 -19.80 8.58
N SER B 334 1.37 -20.43 9.03
CA SER B 334 2.60 -20.54 8.22
C SER B 334 2.37 -21.18 6.85
N SER B 335 1.54 -22.20 6.69
CA SER B 335 1.41 -22.81 5.37
C SER B 335 0.78 -21.86 4.34
N VAL B 336 -0.26 -21.14 4.76
CA VAL B 336 -0.95 -20.20 3.85
C VAL B 336 -0.01 -19.05 3.46
N ALA B 337 0.63 -18.49 4.47
CA ALA B 337 1.51 -17.34 4.29
C ALA B 337 2.59 -17.70 3.35
N GLY B 338 3.08 -18.91 3.58
CA GLY B 338 4.13 -19.46 2.74
C GLY B 338 3.63 -19.64 1.32
N PHE B 339 2.46 -20.26 1.17
CA PHE B 339 1.88 -20.45 -0.14
C PHE B 339 1.60 -19.16 -0.91
N LEU B 340 1.15 -18.12 -0.22
CA LEU B 340 0.80 -16.90 -0.92
C LEU B 340 1.87 -15.85 -0.80
N ASN B 341 2.98 -16.24 -0.22
CA ASN B 341 4.09 -15.33 -0.04
C ASN B 341 3.63 -14.08 0.68
N LEU B 342 2.88 -14.27 1.78
CA LEU B 342 2.40 -13.13 2.56
C LEU B 342 3.43 -12.77 3.61
N THR B 343 4.27 -11.88 3.16
CA THR B 343 5.38 -11.38 3.94
C THR B 343 4.88 -10.69 5.19
N GLY B 344 5.48 -11.06 6.30
CA GLY B 344 5.18 -10.49 7.57
C GLY B 344 4.01 -11.11 8.30
N LYS B 345 3.42 -12.17 7.69
CA LYS B 345 2.25 -12.87 8.21
C LYS B 345 2.52 -14.34 8.53
N GLY B 346 1.64 -14.96 9.33
CA GLY B 346 1.70 -16.38 9.64
C GLY B 346 2.77 -16.84 10.64
N GLU B 347 3.69 -15.95 11.07
CA GLU B 347 4.74 -16.36 12.03
C GLU B 347 5.07 -15.27 13.04
N ILE B 348 5.30 -15.67 14.29
CA ILE B 348 5.66 -14.67 15.28
C ILE B 348 7.20 -14.53 15.37
N LEU B 349 7.72 -13.52 14.65
CA LEU B 349 9.16 -13.18 14.52
C LEU B 349 9.35 -11.72 14.48
N PRO B 350 10.49 -11.28 15.00
CA PRO B 350 10.73 -9.86 14.96
C PRO B 350 10.63 -9.41 13.52
N GLY B 351 10.02 -8.27 13.35
CA GLY B 351 9.87 -7.80 12.01
C GLY B 351 8.53 -8.16 11.37
N ASN B 352 7.84 -9.18 11.91
CA ASN B 352 6.55 -9.52 11.34
C ASN B 352 5.44 -8.63 11.89
N ASP B 353 4.25 -8.66 11.27
CA ASP B 353 3.11 -7.88 11.77
C ASP B 353 2.58 -8.44 13.07
N ALA B 354 2.16 -7.56 13.95
CA ALA B 354 1.62 -8.02 15.21
C ALA B 354 0.14 -8.47 15.11
N ASP B 355 -0.05 -9.59 14.43
CA ASP B 355 -1.34 -10.22 14.23
C ASP B 355 -1.31 -11.42 15.16
N LEU B 356 -2.04 -11.33 16.28
CA LEU B 356 -1.92 -12.39 17.26
C LEU B 356 -3.18 -12.77 17.96
N LEU B 357 -3.23 -14.04 18.31
CA LEU B 357 -4.34 -14.53 19.06
C LEU B 357 -3.89 -14.88 20.45
N VAL B 358 -4.79 -14.62 21.39
CA VAL B 358 -4.63 -14.96 22.77
C VAL B 358 -5.69 -15.98 23.12
N MET B 359 -5.25 -17.17 23.47
CA MET B 359 -6.20 -18.22 23.77
C MET B 359 -5.99 -18.89 25.11
N THR B 360 -7.04 -19.59 25.55
CA THR B 360 -6.95 -20.33 26.77
C THR B 360 -6.24 -21.60 26.41
N PRO B 361 -5.81 -22.31 27.40
CA PRO B 361 -5.09 -23.53 27.13
C PRO B 361 -5.91 -24.59 26.41
N GLU B 362 -7.24 -24.37 26.40
CA GLU B 362 -8.20 -25.27 25.76
C GLU B 362 -8.58 -24.84 24.33
N LEU B 363 -7.85 -23.82 23.94
CA LEU B 363 -7.92 -23.21 22.66
C LEU B 363 -9.17 -22.45 22.35
N ARG B 364 -9.54 -21.57 23.27
CA ARG B 364 -10.68 -20.72 23.04
C ARG B 364 -10.10 -19.30 22.94
N ILE B 365 -10.57 -18.55 21.95
CA ILE B 365 -10.08 -17.21 21.70
C ILE B 365 -10.44 -16.22 22.78
N GLU B 366 -9.45 -15.50 23.34
CA GLU B 366 -9.74 -14.51 24.35
C GLU B 366 -9.54 -13.14 23.82
N GLN B 367 -8.34 -12.90 23.25
CA GLN B 367 -7.97 -11.64 22.64
C GLN B 367 -7.46 -11.88 21.20
N VAL B 368 -7.64 -10.86 20.36
CA VAL B 368 -7.15 -10.81 18.99
C VAL B 368 -6.54 -9.43 18.78
N TYR B 369 -5.32 -9.38 18.25
CA TYR B 369 -4.67 -8.13 17.93
C TYR B 369 -4.41 -8.16 16.42
N ALA B 370 -4.66 -7.06 15.76
CA ALA B 370 -4.37 -7.08 14.32
C ALA B 370 -3.49 -5.89 14.14
N ARG B 371 -2.31 -6.13 13.55
CA ARG B 371 -1.38 -5.05 13.37
C ARG B 371 -1.20 -4.30 14.65
N GLY B 372 -1.14 -5.06 15.72
CA GLY B 372 -0.93 -4.46 17.02
C GLY B 372 -2.15 -3.83 17.70
N LYS B 373 -3.33 -3.82 17.09
CA LYS B 373 -4.48 -3.19 17.73
C LYS B 373 -5.35 -4.24 18.33
N LEU B 374 -5.84 -3.97 19.56
CA LEU B 374 -6.71 -4.93 20.20
C LEU B 374 -8.07 -4.86 19.51
N MET B 375 -8.45 -5.95 18.90
CA MET B 375 -9.69 -6.01 18.16
C MET B 375 -10.82 -6.75 18.89
N VAL B 376 -10.44 -7.74 19.69
CA VAL B 376 -11.37 -8.57 20.43
C VAL B 376 -10.81 -8.75 21.84
N LYS B 377 -11.68 -8.63 22.81
CA LYS B 377 -11.31 -8.76 24.21
C LYS B 377 -12.33 -9.62 24.92
N ASP B 378 -11.89 -10.50 25.79
CA ASP B 378 -12.86 -11.38 26.45
C ASP B 378 -13.75 -12.09 25.46
N GLY B 379 -13.12 -12.48 24.35
CA GLY B 379 -13.83 -13.19 23.32
C GLY B 379 -14.81 -12.32 22.57
N LYS B 380 -14.81 -11.00 22.80
CA LYS B 380 -15.79 -10.19 22.08
C LYS B 380 -15.18 -9.06 21.32
N ALA B 381 -15.63 -8.86 20.08
CA ALA B 381 -15.05 -7.77 19.31
C ALA B 381 -15.22 -6.46 20.05
N CYS B 382 -14.16 -5.68 20.10
CA CYS B 382 -14.20 -4.39 20.71
C CYS B 382 -13.94 -3.29 19.68
N VAL B 383 -13.74 -3.74 18.42
CA VAL B 383 -13.55 -2.90 17.26
C VAL B 383 -14.51 -3.48 16.23
N LYS B 384 -15.36 -2.64 15.63
CA LYS B 384 -16.34 -3.16 14.66
C LYS B 384 -16.30 -2.39 13.36
N GLY B 385 -16.89 -3.00 12.35
CA GLY B 385 -17.00 -2.37 11.05
C GLY B 385 -17.78 -1.07 11.22
N THR B 386 -17.53 -0.19 10.29
CA THR B 386 -18.09 1.15 10.21
C THR B 386 -19.60 1.23 10.39
N PHE B 387 -20.29 0.25 9.81
CA PHE B 387 -21.76 0.18 9.85
C PHE B 387 -22.29 -1.04 10.58
N GLU B 388 -21.40 -1.68 11.32
CA GLU B 388 -21.79 -2.87 12.07
C GLU B 388 -22.78 -2.52 13.16
N THR B 389 -23.85 -3.34 13.25
CA THR B 389 -24.89 -3.14 14.26
C THR B 389 -25.07 -4.36 15.15
ZN ZN C . 6.33 18.66 -16.83
ZN ZN D . 4.51 21.17 -17.98
ZN ZN E . -16.21 -20.12 -2.47
ZN ZN F . -15.91 -22.84 -4.40
#